data_4OIA
#
_entry.id   4OIA
#
_cell.length_a   96.070
_cell.length_b   96.070
_cell.length_c   321.920
_cell.angle_alpha   90.00
_cell.angle_beta   90.00
_cell.angle_gamma   90.00
#
_symmetry.space_group_name_H-M   'P 43 2 2'
#
loop_
_entity.id
_entity.type
_entity.pdbx_description
1 polymer 'Intercellular adhesion molecule 5'
2 branched 2-acetamido-2-deoxy-beta-D-glucopyranose-(1-4)-2-acetamido-2-deoxy-beta-D-glucopyranose
3 branched beta-D-mannopyranose-(1-4)-2-acetamido-2-deoxy-beta-D-glucopyranose-(1-4)-2-acetamido-2-deoxy-beta-D-glucopyranose
4 non-polymer 2-acetamido-2-deoxy-beta-D-glucopyranose
5 non-polymer 1,2-ETHANEDIOL
#
_entity_poly.entity_id   1
_entity_poly.type   'polypeptide(L)'
_entity_poly.pdbx_seq_one_letter_code
;EPFWADLQPRVAFVERGGSLWLNCSTNCPRPERGGLETSLRRNGTQRGLRWLARQLVDIREPETQPVCFFRCARRTLQAR
GLIRTFQRPDRVELMPLPPWQPVGENFTLSCRVPGAGPRASLTLTLLRGAQELIRRSFAGEPPRARGAVLTATVLARRED
HGANFSCRAELDLRPHGLGLFENSSAPRELRTFSLSPDAPRLAAPRLLEVGSERPVSCTLDGLFPASEARVYLALGDQNL
SPDVTLEGDAFVATATATASAEQEGARQLVCNVTLGGENRETRENVTIYSFPAPLLTLSEPSVSEGQMVTVTCAAGAQAL
VTLEGVPAAVPGQPAQLQLNATENDDRRSFFCDATLDVDGETLIKNRSAELRVLYAPR
;
_entity_poly.pdbx_strand_id   A,B
#
# COMPACT_ATOMS: atom_id res chain seq x y z
N GLU A 1 5.64 17.41 33.50
CA GLU A 1 4.68 17.73 32.46
C GLU A 1 4.67 19.23 32.16
N PRO A 2 5.41 19.64 31.11
CA PRO A 2 5.47 21.05 30.71
C PRO A 2 4.24 21.46 29.92
N PHE A 3 4.24 22.68 29.40
CA PHE A 3 3.12 23.18 28.61
C PHE A 3 3.29 22.82 27.14
N TRP A 4 2.18 22.46 26.49
CA TRP A 4 2.22 22.04 25.10
C TRP A 4 1.05 22.58 24.28
N ALA A 5 1.18 22.51 22.96
CA ALA A 5 0.13 22.93 22.06
C ALA A 5 -0.19 21.80 21.08
N ASP A 6 -1.47 21.57 20.83
CA ASP A 6 -1.90 20.46 19.98
C ASP A 6 -3.03 20.84 19.03
N LEU A 7 -2.81 20.61 17.74
CA LEU A 7 -3.86 20.84 16.74
C LEU A 7 -4.25 19.52 16.06
N GLN A 8 -5.52 19.38 15.71
CA GLN A 8 -6.01 18.16 15.11
C GLN A 8 -6.80 18.42 13.83
N PRO A 9 -6.62 17.57 12.81
CA PRO A 9 -5.62 16.50 12.78
C PRO A 9 -4.22 17.04 12.44
N ARG A 10 -3.18 16.32 12.83
CA ARG A 10 -1.81 16.69 12.47
C ARG A 10 -1.65 16.76 10.96
N VAL A 11 -1.72 15.61 10.31
CA VAL A 11 -1.69 15.55 8.86
C VAL A 11 -3.09 15.24 8.33
N ALA A 12 -3.53 16.00 7.34
CA ALA A 12 -4.87 15.84 6.79
C ALA A 12 -4.90 15.86 5.27
N PHE A 13 -5.45 14.81 4.68
CA PHE A 13 -5.62 14.74 3.23
C PHE A 13 -7.05 15.07 2.85
N VAL A 14 -7.24 16.15 2.10
CA VAL A 14 -8.57 16.60 1.74
C VAL A 14 -8.63 16.99 0.26
N GLU A 15 -9.70 16.59 -0.41
CA GLU A 15 -9.88 16.85 -1.83
C GLU A 15 -9.84 18.35 -2.13
N ARG A 16 -9.26 18.71 -3.27
CA ARG A 16 -9.10 20.11 -3.66
C ARG A 16 -10.44 20.83 -3.75
N GLY A 17 -10.53 21.98 -3.08
CA GLY A 17 -11.76 22.74 -3.04
C GLY A 17 -12.67 22.30 -1.91
N GLY A 18 -12.21 21.32 -1.14
CA GLY A 18 -12.99 20.78 -0.05
C GLY A 18 -12.87 21.61 1.22
N SER A 19 -13.14 20.96 2.36
CA SER A 19 -13.10 21.65 3.65
C SER A 19 -12.82 20.68 4.79
N LEU A 20 -12.33 21.22 5.90
CA LEU A 20 -12.04 20.42 7.09
C LEU A 20 -12.02 21.29 8.35
N TRP A 21 -12.12 20.65 9.51
CA TRP A 21 -12.10 21.35 10.78
C TRP A 21 -10.77 21.20 11.51
N LEU A 22 -10.25 22.32 12.01
CA LEU A 22 -9.04 22.31 12.83
C LEU A 22 -9.33 22.90 14.20
N ASN A 23 -9.25 22.08 15.25
CA ASN A 23 -9.34 22.60 16.60
C ASN A 23 -8.01 22.49 17.35
N CYS A 24 -7.41 23.64 17.62
CA CYS A 24 -6.09 23.69 18.25
C CYS A 24 -6.22 23.91 19.75
N SER A 25 -5.64 23.01 20.54
CA SER A 25 -5.78 23.07 21.99
C SER A 25 -4.45 23.28 22.70
N THR A 26 -4.53 23.42 24.02
CA THR A 26 -3.35 23.57 24.88
C THR A 26 -3.69 23.18 26.31
N ASN A 27 -2.66 22.89 27.11
CA ASN A 27 -2.88 22.52 28.50
C ASN A 27 -2.76 23.70 29.45
N CYS A 28 -2.45 24.88 28.89
CA CYS A 28 -2.29 26.09 29.68
C CYS A 28 -3.62 26.51 30.29
N PRO A 29 -3.66 26.65 31.63
CA PRO A 29 -4.89 26.98 32.36
C PRO A 29 -5.48 28.33 31.96
N ARG A 30 -4.64 29.35 31.85
CA ARG A 30 -5.09 30.67 31.43
C ARG A 30 -4.12 31.32 30.46
N PRO A 31 -4.22 30.94 29.17
CA PRO A 31 -3.36 31.51 28.13
C PRO A 31 -3.71 32.97 27.86
N GLU A 32 -2.69 33.82 27.73
CA GLU A 32 -2.90 35.24 27.46
C GLU A 32 -3.27 35.47 26.00
N ARG A 33 -2.72 34.64 25.12
CA ARG A 33 -2.92 34.81 23.69
C ARG A 33 -2.98 33.48 22.96
N GLY A 34 -3.86 33.39 21.96
CA GLY A 34 -4.00 32.18 21.18
C GLY A 34 -4.73 32.43 19.87
N GLY A 35 -4.48 31.55 18.89
CA GLY A 35 -5.10 31.69 17.59
C GLY A 35 -4.48 30.75 16.56
N LEU A 36 -5.15 30.63 15.42
CA LEU A 36 -4.67 29.77 14.35
C LEU A 36 -4.17 30.58 13.16
N GLU A 37 -2.96 30.27 12.72
CA GLU A 37 -2.36 30.96 11.59
C GLU A 37 -2.38 30.10 10.33
N THR A 38 -3.14 30.52 9.33
CA THR A 38 -3.08 29.88 8.02
C THR A 38 -3.41 30.87 6.90
N SER A 39 -3.25 30.42 5.67
CA SER A 39 -3.44 31.27 4.49
C SER A 39 -4.77 31.13 3.74
N LEU A 40 -5.68 30.28 4.21
CA LEU A 40 -6.73 29.83 3.31
C LEU A 40 -8.09 30.51 3.44
N ARG A 41 -8.90 30.10 4.40
CA ARG A 41 -10.25 30.66 4.56
C ARG A 41 -10.89 30.40 5.91
N ARG A 42 -11.94 31.18 6.21
CA ARG A 42 -12.76 30.92 7.38
C ARG A 42 -14.25 30.88 7.02
N ASN A 43 -14.94 29.89 7.57
CA ASN A 43 -16.39 29.75 7.37
C ASN A 43 -17.12 29.99 8.70
N GLY A 44 -16.81 29.16 9.68
CA GLY A 44 -17.36 29.33 11.02
C GLY A 44 -16.33 28.89 12.05
N THR A 45 -16.54 29.29 13.30
CA THR A 45 -15.55 29.04 14.34
C THR A 45 -16.18 28.69 15.69
N GLN A 46 -15.52 27.78 16.41
CA GLN A 46 -15.97 27.38 17.74
C GLN A 46 -14.80 27.41 18.71
N ARG A 47 -14.87 28.26 19.73
CA ARG A 47 -13.77 28.36 20.69
C ARG A 47 -14.22 28.20 22.13
N GLY A 48 -13.28 28.38 23.05
CA GLY A 48 -13.56 28.23 24.47
C GLY A 48 -12.26 28.23 25.26
N LEU A 49 -12.30 27.64 26.45
CA LEU A 49 -11.12 27.54 27.28
C LEU A 49 -10.13 26.53 26.71
N ARG A 50 -8.88 26.97 26.57
CA ARG A 50 -7.76 26.11 26.15
C ARG A 50 -7.77 25.67 24.69
N TRP A 51 -8.88 25.86 23.98
CA TRP A 51 -8.96 25.43 22.58
C TRP A 51 -9.86 26.29 21.70
N LEU A 52 -9.49 26.40 20.43
CA LEU A 52 -10.30 27.09 19.43
C LEU A 52 -10.41 26.23 18.18
N ALA A 53 -11.54 26.33 17.48
CA ALA A 53 -11.74 25.57 16.26
C ALA A 53 -12.03 26.49 15.07
N ARG A 54 -11.42 26.18 13.94
CA ARG A 54 -11.61 26.95 12.72
C ARG A 54 -12.02 26.04 11.57
N GLN A 55 -12.90 26.53 10.70
CA GLN A 55 -13.31 25.78 9.53
C GLN A 55 -12.60 26.32 8.29
N LEU A 56 -11.67 25.53 7.75
CA LEU A 56 -10.93 25.93 6.57
C LEU A 56 -11.63 25.39 5.33
N VAL A 57 -12.14 26.29 4.51
CA VAL A 57 -12.93 25.91 3.35
C VAL A 57 -12.28 26.34 2.04
N ASP A 58 -12.63 25.64 0.96
CA ASP A 58 -12.13 25.94 -0.38
C ASP A 58 -10.60 25.95 -0.40
N ILE A 59 -10.00 24.77 -0.27
CA ILE A 59 -8.55 24.67 -0.21
C ILE A 59 -7.99 24.46 -1.60
N ARG A 60 -7.33 25.49 -2.11
CA ARG A 60 -6.82 25.53 -3.48
C ARG A 60 -5.34 25.19 -3.62
N GLU A 61 -4.70 24.82 -2.51
CA GLU A 61 -3.24 24.69 -2.51
C GLU A 61 -2.83 23.23 -2.32
N PRO A 62 -1.75 22.81 -3.01
CA PRO A 62 -1.26 21.43 -2.94
C PRO A 62 -0.80 21.04 -1.54
N GLU A 63 -0.01 21.90 -0.92
CA GLU A 63 0.50 21.64 0.43
C GLU A 63 0.55 22.93 1.26
N THR A 64 0.00 22.86 2.46
CA THR A 64 0.06 23.99 3.38
C THR A 64 0.34 23.49 4.80
N GLN A 65 1.01 24.32 5.59
CA GLN A 65 1.38 23.95 6.95
C GLN A 65 0.80 24.92 7.97
N PRO A 66 -0.43 24.63 8.44
CA PRO A 66 -1.09 25.47 9.44
C PRO A 66 -0.38 25.42 10.78
N VAL A 67 -0.20 26.58 11.41
CA VAL A 67 0.47 26.64 12.70
C VAL A 67 -0.44 27.28 13.76
N CYS A 68 -0.70 26.53 14.82
CA CYS A 68 -1.50 27.03 15.92
C CYS A 68 -0.58 27.40 17.08
N PHE A 69 -0.71 28.63 17.56
CA PHE A 69 0.19 29.13 18.60
C PHE A 69 -0.58 29.63 19.82
N PHE A 70 0.01 29.40 20.99
CA PHE A 70 -0.56 29.87 22.25
C PHE A 70 0.50 30.59 23.07
N ARG A 71 0.05 31.45 23.99
CA ARG A 71 0.95 32.12 24.92
C ARG A 71 0.44 32.05 26.35
N CYS A 72 1.23 31.42 27.22
CA CYS A 72 0.95 31.42 28.65
C CYS A 72 2.26 31.53 29.44
N ALA A 73 2.21 32.30 30.53
CA ALA A 73 3.39 32.62 31.33
C ALA A 73 4.49 33.32 30.53
N ARG A 74 4.08 34.27 29.69
CA ARG A 74 5.00 35.07 28.87
C ARG A 74 5.99 34.23 28.06
N ARG A 75 5.53 33.07 27.61
CA ARG A 75 6.34 32.19 26.76
C ARG A 75 5.58 31.86 25.48
N THR A 76 6.32 31.60 24.41
CA THR A 76 5.70 31.26 23.13
C THR A 76 5.50 29.75 23.04
N LEU A 77 4.24 29.34 22.85
CA LEU A 77 3.92 27.93 22.76
C LEU A 77 3.16 27.68 21.45
N GLN A 78 3.78 26.93 20.54
CA GLN A 78 3.21 26.74 19.22
C GLN A 78 3.18 25.28 18.78
N ALA A 79 2.31 24.99 17.82
CA ALA A 79 2.20 23.65 17.24
C ALA A 79 2.04 23.76 15.73
N ARG A 80 2.71 22.88 15.01
CA ARG A 80 2.68 22.91 13.56
C ARG A 80 2.02 21.65 13.01
N GLY A 81 1.48 21.75 11.79
CA GLY A 81 0.76 20.64 11.18
C GLY A 81 0.86 20.66 9.68
N LEU A 82 0.21 19.70 9.02
CA LEU A 82 0.31 19.56 7.58
C LEU A 82 -1.04 19.29 6.91
N ILE A 83 -1.35 20.07 5.88
CA ILE A 83 -2.57 19.86 5.12
C ILE A 83 -2.26 19.82 3.63
N ARG A 84 -2.52 18.67 3.00
CA ARG A 84 -2.26 18.50 1.57
C ARG A 84 -3.53 18.14 0.82
N THR A 85 -3.57 18.51 -0.46
CA THR A 85 -4.77 18.30 -1.27
C THR A 85 -4.52 17.42 -2.49
N PHE A 86 -5.58 16.79 -2.98
CA PHE A 86 -5.49 15.95 -4.16
C PHE A 86 -6.62 16.27 -5.14
N GLN A 87 -6.49 15.79 -6.37
CA GLN A 87 -7.51 15.97 -7.38
C GLN A 87 -7.74 14.69 -8.17
N ARG A 88 -9.00 14.25 -8.21
CA ARG A 88 -9.37 13.05 -8.96
C ARG A 88 -9.10 13.25 -10.45
N PRO A 89 -8.74 12.16 -11.14
CA PRO A 89 -8.59 12.21 -12.60
C PRO A 89 -9.95 12.30 -13.28
N ASP A 90 -10.67 13.38 -13.00
CA ASP A 90 -12.03 13.54 -13.50
C ASP A 90 -12.03 13.82 -15.00
N ARG A 91 -11.01 14.52 -15.47
CA ARG A 91 -10.89 14.84 -16.88
C ARG A 91 -9.69 14.13 -17.52
N VAL A 92 -9.99 13.15 -18.37
CA VAL A 92 -8.95 12.43 -19.08
C VAL A 92 -9.20 12.54 -20.59
N GLU A 93 -8.19 13.03 -21.31
CA GLU A 93 -8.35 13.30 -22.74
C GLU A 93 -7.38 12.50 -23.60
N LEU A 94 -7.88 11.96 -24.70
CA LEU A 94 -7.06 11.27 -25.67
C LEU A 94 -7.11 12.01 -27.01
N MET A 95 -5.98 12.11 -27.68
CA MET A 95 -5.88 12.89 -28.91
C MET A 95 -6.65 12.25 -30.07
N PRO A 96 -7.19 13.09 -30.97
CA PRO A 96 -7.98 12.69 -32.14
C PRO A 96 -7.15 12.08 -33.27
N LEU A 97 -6.93 10.77 -33.19
CA LEU A 97 -6.12 10.03 -34.16
C LEU A 97 -6.56 10.30 -35.60
N PRO A 98 -5.62 10.25 -36.55
CA PRO A 98 -5.85 10.51 -37.98
C PRO A 98 -7.00 9.68 -38.55
N PRO A 99 -7.75 10.26 -39.50
CA PRO A 99 -8.88 9.60 -40.16
C PRO A 99 -8.48 8.30 -40.83
N TRP A 100 -7.36 8.33 -41.58
CA TRP A 100 -6.83 7.14 -42.22
C TRP A 100 -5.33 7.02 -41.96
N GLN A 101 -4.94 5.94 -41.28
CA GLN A 101 -3.53 5.72 -40.95
C GLN A 101 -2.93 4.62 -41.81
N PRO A 102 -1.87 4.94 -42.56
CA PRO A 102 -1.17 3.98 -43.43
C PRO A 102 -0.66 2.77 -42.66
N VAL A 103 -0.93 1.58 -43.16
CA VAL A 103 -0.50 0.35 -42.50
C VAL A 103 1.01 0.15 -42.67
N GLY A 104 1.69 -0.12 -41.57
CA GLY A 104 3.13 -0.31 -41.59
C GLY A 104 3.87 0.95 -41.21
N GLU A 105 3.12 1.98 -40.84
CA GLU A 105 3.71 3.25 -40.44
C GLU A 105 3.32 3.62 -39.01
N ASN A 106 4.20 4.33 -38.32
CA ASN A 106 3.99 4.67 -36.92
C ASN A 106 3.03 5.84 -36.72
N PHE A 107 2.32 5.82 -35.60
CA PHE A 107 1.41 6.90 -35.24
C PHE A 107 1.41 7.13 -33.73
N THR A 108 1.16 8.37 -33.32
CA THR A 108 1.31 8.77 -31.92
C THR A 108 0.04 8.55 -31.08
N LEU A 109 0.24 8.14 -29.83
CA LEU A 109 -0.84 8.00 -28.86
C LEU A 109 -0.49 8.79 -27.61
N SER A 110 -1.27 9.83 -27.31
CA SER A 110 -0.99 10.67 -26.14
C SER A 110 -2.20 10.81 -25.23
N CYS A 111 -2.07 10.29 -24.01
CA CYS A 111 -3.13 10.43 -23.02
C CYS A 111 -2.85 11.63 -22.13
N ARG A 112 -3.89 12.43 -21.89
CA ARG A 112 -3.72 13.69 -21.18
C ARG A 112 -4.67 13.79 -19.99
N VAL A 113 -4.10 13.85 -18.78
CA VAL A 113 -4.89 13.97 -17.56
C VAL A 113 -4.51 15.23 -16.80
N PRO A 114 -5.02 16.39 -17.24
CA PRO A 114 -4.69 17.67 -16.61
C PRO A 114 -5.40 17.88 -15.28
N GLY A 115 -4.72 18.53 -14.34
CA GLY A 115 -5.33 18.93 -13.08
C GLY A 115 -5.26 17.87 -11.99
N ALA A 116 -5.08 16.62 -12.39
CA ALA A 116 -5.07 15.52 -11.43
C ALA A 116 -3.80 15.51 -10.59
N GLY A 117 -3.96 15.32 -9.29
CA GLY A 117 -2.83 15.30 -8.37
C GLY A 117 -3.07 14.43 -7.15
N PRO A 118 -1.98 14.08 -6.43
CA PRO A 118 -0.61 14.44 -6.77
C PRO A 118 -0.06 13.61 -7.92
N ARG A 119 0.87 14.18 -8.68
CA ARG A 119 1.40 13.55 -9.89
C ARG A 119 2.05 12.20 -9.61
N ALA A 120 2.77 12.11 -8.50
CA ALA A 120 3.50 10.89 -8.15
C ALA A 120 2.57 9.71 -7.85
N SER A 121 1.31 10.00 -7.58
CA SER A 121 0.34 8.95 -7.29
C SER A 121 -0.46 8.53 -8.52
N LEU A 122 -0.15 9.14 -9.66
CA LEU A 122 -0.85 8.84 -10.90
C LEU A 122 -0.17 7.75 -11.73
N THR A 123 -0.94 6.74 -12.09
CA THR A 123 -0.45 5.67 -12.95
C THR A 123 -1.27 5.63 -14.23
N LEU A 124 -0.65 5.97 -15.36
CA LEU A 124 -1.35 6.04 -16.64
C LEU A 124 -1.08 4.82 -17.51
N THR A 125 -2.13 4.32 -18.14
CA THR A 125 -2.03 3.13 -18.98
C THR A 125 -2.84 3.27 -20.27
N LEU A 126 -2.18 3.03 -21.40
CA LEU A 126 -2.85 3.07 -22.69
C LEU A 126 -3.48 1.71 -23.01
N LEU A 127 -4.72 1.74 -23.49
CA LEU A 127 -5.47 0.52 -23.71
C LEU A 127 -5.96 0.34 -25.14
N ARG A 128 -5.63 -0.81 -25.74
CA ARG A 128 -6.27 -1.24 -26.97
C ARG A 128 -7.25 -2.34 -26.62
N GLY A 129 -8.54 -2.03 -26.71
CA GLY A 129 -9.57 -2.95 -26.24
C GLY A 129 -9.41 -3.18 -24.75
N ALA A 130 -9.32 -4.46 -24.37
CA ALA A 130 -9.10 -4.82 -22.97
C ALA A 130 -7.62 -5.06 -22.69
N GLN A 131 -6.79 -4.87 -23.70
CA GLN A 131 -5.36 -5.12 -23.58
C GLN A 131 -4.57 -3.88 -23.18
N GLU A 132 -3.57 -4.06 -22.32
CA GLU A 132 -2.72 -2.96 -21.89
C GLU A 132 -1.48 -2.85 -22.78
N LEU A 133 -1.36 -1.75 -23.51
CA LEU A 133 -0.22 -1.54 -24.39
C LEU A 133 1.02 -1.08 -23.61
N ILE A 134 0.85 -0.10 -22.73
CA ILE A 134 1.96 0.43 -21.94
C ILE A 134 1.46 0.96 -20.59
N ARG A 135 2.26 0.77 -19.55
CA ARG A 135 1.94 1.29 -18.22
C ARG A 135 3.04 2.21 -17.72
N ARG A 136 2.69 3.46 -17.43
CA ARG A 136 3.65 4.43 -16.92
C ARG A 136 3.26 4.95 -15.56
N SER A 137 4.07 4.62 -14.54
CA SER A 137 3.86 5.12 -13.20
C SER A 137 4.73 6.34 -12.94
N PHE A 138 4.12 7.39 -12.41
CA PHE A 138 4.81 8.67 -12.23
C PHE A 138 5.45 8.82 -10.86
N ALA A 139 5.46 7.74 -10.07
CA ALA A 139 6.09 7.75 -8.75
C ALA A 139 7.53 8.27 -8.83
N GLY A 140 7.86 9.20 -7.94
CA GLY A 140 9.15 9.86 -7.96
C GLY A 140 9.06 11.30 -8.47
N GLU A 141 7.86 11.73 -8.82
CA GLU A 141 7.62 13.12 -9.21
C GLU A 141 7.34 13.96 -7.97
N PRO A 142 7.66 15.26 -8.04
CA PRO A 142 7.39 16.19 -6.92
C PRO A 142 5.94 16.17 -6.47
N PRO A 143 5.71 16.07 -5.16
CA PRO A 143 4.36 15.96 -4.57
C PRO A 143 3.52 17.22 -4.79
N ARG A 144 4.39 18.12 -5.28
CA ARG A 144 3.68 19.39 -5.45
C ARG A 144 3.16 19.56 -6.88
N ALA A 145 3.50 19.01 -7.56
CA ALA A 145 3.10 19.09 -8.95
C ALA A 145 1.92 18.18 -9.26
N ARG A 146 1.02 18.66 -10.12
CA ARG A 146 -0.15 17.87 -10.51
C ARG A 146 -0.14 17.61 -12.01
N GLY A 147 -1.13 16.87 -12.49
CA GLY A 147 -1.26 16.59 -13.90
C GLY A 147 -0.35 15.46 -14.36
N ALA A 148 -0.72 14.82 -15.47
CA ALA A 148 0.10 13.74 -16.04
C ALA A 148 -0.07 13.64 -17.54
N VAL A 149 1.00 13.24 -18.24
CA VAL A 149 0.97 13.07 -19.68
C VAL A 149 1.72 11.79 -20.09
N LEU A 150 1.05 10.94 -20.86
CA LEU A 150 1.67 9.70 -21.35
C LEU A 150 1.63 9.62 -22.87
N THR A 151 2.81 9.61 -23.49
CA THR A 151 2.91 9.53 -24.95
C THR A 151 3.69 8.30 -25.39
N ALA A 152 3.15 7.58 -26.37
CA ALA A 152 3.83 6.42 -26.93
C ALA A 152 3.48 6.26 -28.41
N THR A 153 4.45 5.83 -29.21
CA THR A 153 4.24 5.63 -30.63
C THR A 153 4.25 4.15 -30.99
N VAL A 154 3.15 3.67 -31.56
CA VAL A 154 3.03 2.27 -31.95
C VAL A 154 2.96 2.11 -33.46
N LEU A 155 2.88 0.86 -33.92
CA LEU A 155 2.89 0.55 -35.34
C LEU A 155 1.51 0.13 -35.83
N ALA A 156 1.00 0.85 -36.83
CA ALA A 156 -0.30 0.53 -37.42
C ALA A 156 -0.24 -0.81 -38.13
N ARG A 157 -1.22 -1.66 -37.85
CA ARG A 157 -1.23 -3.01 -38.41
C ARG A 157 -2.54 -3.33 -39.15
N ARG A 158 -2.65 -4.57 -39.59
CA ARG A 158 -3.85 -5.04 -40.28
C ARG A 158 -5.07 -5.09 -39.35
N GLU A 159 -4.87 -5.62 -38.15
CA GLU A 159 -5.96 -5.80 -37.21
C GLU A 159 -6.35 -4.47 -36.57
N ASP A 160 -5.45 -3.51 -36.62
CA ASP A 160 -5.66 -2.21 -35.99
C ASP A 160 -6.84 -1.43 -36.59
N HIS A 161 -7.31 -1.88 -37.76
CA HIS A 161 -8.47 -1.26 -38.39
C HIS A 161 -9.74 -1.58 -37.59
N GLY A 162 -10.45 -0.53 -37.18
CA GLY A 162 -11.67 -0.70 -36.40
C GLY A 162 -11.40 -1.09 -34.96
N ALA A 163 -10.20 -0.76 -34.47
CA ALA A 163 -9.82 -1.08 -33.10
C ALA A 163 -9.91 0.15 -32.20
N ASN A 164 -10.29 -0.08 -30.94
CA ASN A 164 -10.47 1.02 -29.99
C ASN A 164 -9.24 1.32 -29.14
N PHE A 165 -8.91 2.59 -29.04
CA PHE A 165 -7.79 3.04 -28.22
C PHE A 165 -8.28 3.97 -27.12
N SER A 166 -7.82 3.72 -25.89
CA SER A 166 -8.20 4.54 -24.75
C SER A 166 -7.06 4.68 -23.76
N CYS A 167 -7.29 5.42 -22.68
CA CYS A 167 -6.28 5.60 -21.64
C CYS A 167 -6.89 5.57 -20.24
N ARG A 168 -6.32 4.75 -19.37
CA ARG A 168 -6.80 4.64 -18.00
C ARG A 168 -5.90 5.42 -17.04
N ALA A 169 -6.52 6.30 -16.25
CA ALA A 169 -5.79 7.09 -15.28
C ALA A 169 -6.09 6.65 -13.85
N GLU A 170 -5.08 6.14 -13.16
CA GLU A 170 -5.25 5.66 -11.80
C GLU A 170 -4.55 6.55 -10.78
N LEU A 171 -5.32 7.13 -9.88
CA LEU A 171 -4.77 7.90 -8.76
C LEU A 171 -4.83 7.06 -7.50
N ASP A 172 -3.66 6.67 -6.99
CA ASP A 172 -3.63 5.76 -5.84
C ASP A 172 -3.33 6.54 -4.56
N LEU A 173 -4.38 6.72 -3.74
CA LEU A 173 -4.26 7.33 -2.43
C LEU A 173 -4.28 6.30 -1.30
N ARG A 174 -4.38 5.02 -1.66
CA ARG A 174 -4.51 3.91 -0.70
C ARG A 174 -3.56 3.92 0.51
N PRO A 175 -2.26 4.19 0.30
CA PRO A 175 -1.38 4.20 1.48
C PRO A 175 -1.69 5.35 2.44
N HIS A 176 -2.40 6.37 1.96
CA HIS A 176 -2.78 7.49 2.80
C HIS A 176 -4.13 7.23 3.49
N GLY A 177 -4.72 6.08 3.20
CA GLY A 177 -5.94 5.66 3.85
C GLY A 177 -7.22 6.06 3.14
N LEU A 178 -7.08 6.76 2.02
CA LEU A 178 -8.25 7.24 1.29
C LEU A 178 -8.82 6.18 0.35
N GLY A 179 -8.08 5.86 -0.71
CA GLY A 179 -8.53 4.85 -1.65
C GLY A 179 -7.97 5.02 -3.05
N LEU A 180 -8.56 4.31 -4.01
CA LEU A 180 -8.10 4.36 -5.39
C LEU A 180 -9.18 4.96 -6.30
N PHE A 181 -8.81 6.00 -7.03
CA PHE A 181 -9.73 6.64 -7.97
C PHE A 181 -9.22 6.46 -9.40
N GLU A 182 -9.99 5.72 -10.21
CA GLU A 182 -9.62 5.50 -11.60
C GLU A 182 -10.73 5.91 -12.56
N ASN A 183 -10.36 6.57 -13.65
CA ASN A 183 -11.31 6.94 -14.69
C ASN A 183 -10.69 6.80 -16.08
N SER A 184 -11.42 6.18 -16.99
CA SER A 184 -10.93 5.94 -18.33
C SER A 184 -11.50 6.94 -19.34
N SER A 185 -10.68 7.32 -20.31
CA SER A 185 -11.07 8.29 -21.33
C SER A 185 -12.05 7.69 -22.33
N ALA A 186 -12.47 8.49 -23.29
CA ALA A 186 -13.38 8.04 -24.33
C ALA A 186 -12.63 7.25 -25.39
N PRO A 187 -13.10 6.01 -25.65
CA PRO A 187 -12.46 5.13 -26.63
C PRO A 187 -12.52 5.69 -28.05
N ARG A 188 -11.42 5.61 -28.78
CA ARG A 188 -11.36 6.11 -30.15
C ARG A 188 -11.07 4.99 -31.14
N GLU A 189 -11.87 4.92 -32.20
CA GLU A 189 -11.72 3.88 -33.21
C GLU A 189 -10.79 4.31 -34.33
N LEU A 190 -9.89 3.42 -34.73
CA LEU A 190 -8.91 3.72 -35.77
C LEU A 190 -9.24 3.02 -37.07
N ARG A 191 -9.02 3.72 -38.19
CA ARG A 191 -9.21 3.14 -39.51
C ARG A 191 -7.90 3.16 -40.28
N THR A 192 -7.36 1.97 -40.57
CA THR A 192 -6.09 1.85 -41.27
C THR A 192 -6.26 1.34 -42.69
N PHE A 193 -5.37 1.78 -43.59
CA PHE A 193 -5.43 1.36 -44.98
C PHE A 193 -4.03 1.25 -45.59
N SER A 194 -3.88 0.38 -46.57
CA SER A 194 -2.64 0.26 -47.32
C SER A 194 -2.93 0.24 -48.82
N LEU A 195 -2.47 1.27 -49.53
CA LEU A 195 -2.71 1.38 -50.96
C LEU A 195 -1.39 1.43 -51.73
N SER A 196 -1.14 0.39 -52.52
CA SER A 196 0.10 0.26 -53.28
C SER A 196 0.21 1.36 -54.35
N PRO A 197 1.43 1.91 -54.52
CA PRO A 197 1.70 2.94 -55.53
C PRO A 197 1.48 2.44 -56.95
N ASP A 198 1.43 1.12 -57.11
CA ASP A 198 1.24 0.50 -58.43
C ASP A 198 -0.09 0.90 -59.07
N ALA A 199 -0.07 1.04 -60.39
CA ALA A 199 -1.26 1.43 -61.14
C ALA A 199 -2.09 0.21 -61.52
N PRO A 200 -3.43 0.34 -61.52
CA PRO A 200 -4.34 -0.76 -61.86
C PRO A 200 -4.15 -1.24 -63.29
N ARG A 201 -4.16 -2.56 -63.48
CA ARG A 201 -4.03 -3.14 -64.81
C ARG A 201 -5.38 -3.13 -65.54
N LEU A 202 -5.40 -2.49 -66.70
CA LEU A 202 -6.63 -2.38 -67.48
C LEU A 202 -6.51 -3.16 -68.79
N ALA A 203 -7.38 -4.14 -68.97
CA ALA A 203 -7.39 -4.95 -70.19
C ALA A 203 -8.48 -4.44 -71.14
N ALA A 204 -8.07 -3.87 -72.26
CA ALA A 204 -9.01 -3.34 -73.23
C ALA A 204 -8.54 -3.56 -74.66
N PRO A 205 -9.48 -3.80 -75.58
CA PRO A 205 -9.14 -3.93 -77.01
C PRO A 205 -8.78 -2.58 -77.62
N ARG A 206 -7.87 -2.60 -78.58
CA ARG A 206 -7.45 -1.37 -79.26
C ARG A 206 -8.58 -0.77 -80.06
N LEU A 207 -9.28 -1.62 -80.81
CA LEU A 207 -10.38 -1.18 -81.64
C LEU A 207 -11.72 -1.75 -81.19
N LEU A 208 -12.76 -0.94 -81.25
CA LEU A 208 -14.10 -1.36 -80.85
C LEU A 208 -15.10 -1.06 -81.96
N GLU A 209 -15.67 -2.12 -82.53
CA GLU A 209 -16.65 -1.97 -83.59
C GLU A 209 -18.02 -1.64 -83.01
N VAL A 210 -18.73 -0.73 -83.67
CA VAL A 210 -20.05 -0.30 -83.22
C VAL A 210 -21.09 -1.39 -83.41
N GLY A 211 -21.84 -1.69 -82.35
CA GLY A 211 -22.87 -2.72 -82.40
C GLY A 211 -22.33 -4.07 -81.98
N SER A 212 -21.16 -4.06 -81.34
CA SER A 212 -20.54 -5.29 -80.87
C SER A 212 -20.13 -5.17 -79.41
N GLU A 213 -20.27 -6.26 -78.67
CA GLU A 213 -19.92 -6.29 -77.26
C GLU A 213 -18.50 -6.81 -77.03
N ARG A 214 -17.63 -5.93 -76.56
CA ARG A 214 -16.27 -6.31 -76.22
C ARG A 214 -16.03 -6.13 -74.72
N PRO A 215 -15.75 -7.24 -74.03
CA PRO A 215 -15.57 -7.25 -72.57
C PRO A 215 -14.31 -6.51 -72.13
N VAL A 216 -14.41 -5.78 -71.02
CA VAL A 216 -13.27 -5.07 -70.46
C VAL A 216 -13.12 -5.41 -68.98
N SER A 217 -11.87 -5.37 -68.49
CA SER A 217 -11.62 -5.69 -67.09
C SER A 217 -10.55 -4.79 -66.49
N CYS A 218 -10.81 -4.31 -65.28
CA CYS A 218 -9.86 -3.45 -64.57
C CYS A 218 -9.58 -4.03 -63.19
N THR A 219 -8.30 -4.34 -62.94
CA THR A 219 -7.91 -4.96 -61.68
C THR A 219 -6.66 -4.32 -61.08
N LEU A 220 -6.42 -4.60 -59.81
CA LEU A 220 -5.26 -4.08 -59.09
C LEU A 220 -4.83 -5.16 -58.09
N ASP A 221 -3.90 -4.82 -57.20
CA ASP A 221 -3.44 -5.75 -56.17
C ASP A 221 -3.01 -5.02 -54.91
N GLY A 222 -3.11 -5.70 -53.77
CA GLY A 222 -2.66 -5.15 -52.50
C GLY A 222 -3.50 -4.00 -51.99
N LEU A 223 -4.82 -4.22 -51.90
CA LEU A 223 -5.72 -3.21 -51.37
C LEU A 223 -6.38 -3.66 -50.07
N PHE A 224 -6.13 -2.91 -49.00
CA PHE A 224 -6.78 -3.15 -47.72
C PHE A 224 -7.21 -1.83 -47.09
N PRO A 225 -8.43 -1.79 -46.52
CA PRO A 225 -9.46 -2.83 -46.60
C PRO A 225 -10.03 -2.91 -48.02
N ALA A 226 -10.18 -4.13 -48.54
CA ALA A 226 -10.63 -4.32 -49.91
C ALA A 226 -12.09 -3.87 -50.09
N SER A 227 -12.93 -4.23 -49.13
CA SER A 227 -14.36 -3.91 -49.20
C SER A 227 -14.62 -2.42 -49.10
N GLU A 228 -13.69 -1.69 -48.49
CA GLU A 228 -13.85 -0.26 -48.28
C GLU A 228 -13.55 0.53 -49.56
N ALA A 229 -12.87 -0.11 -50.50
CA ALA A 229 -12.47 0.55 -51.74
C ALA A 229 -13.64 0.74 -52.70
N ARG A 230 -13.69 1.91 -53.34
CA ARG A 230 -14.71 2.22 -54.34
C ARG A 230 -14.08 2.37 -55.72
N VAL A 231 -14.69 1.75 -56.72
CA VAL A 231 -14.11 1.69 -58.05
C VAL A 231 -15.03 2.27 -59.14
N TYR A 232 -14.45 3.09 -60.00
CA TYR A 232 -15.16 3.64 -61.16
C TYR A 232 -14.49 3.18 -62.45
N LEU A 233 -15.29 2.60 -63.34
CA LEU A 233 -14.79 2.19 -64.65
C LEU A 233 -15.84 2.51 -65.71
N ALA A 234 -15.42 3.20 -66.76
CA ALA A 234 -16.34 3.63 -67.80
C ALA A 234 -15.66 3.71 -69.17
N LEU A 235 -16.46 4.07 -70.18
CA LEU A 235 -15.94 4.25 -71.53
C LEU A 235 -16.06 5.72 -71.90
N GLY A 236 -14.92 6.39 -71.99
CA GLY A 236 -14.90 7.82 -72.24
C GLY A 236 -15.58 8.58 -71.11
N ASP A 237 -16.55 9.41 -71.46
CA ASP A 237 -17.33 10.13 -70.45
C ASP A 237 -18.63 9.41 -70.15
N GLN A 238 -18.83 8.25 -70.77
CA GLN A 238 -20.05 7.48 -70.59
C GLN A 238 -19.91 6.45 -69.48
N ASN A 239 -20.66 6.65 -68.39
CA ASN A 239 -20.60 5.78 -67.22
C ASN A 239 -20.98 4.34 -67.51
N LEU A 240 -20.32 3.40 -66.85
CA LEU A 240 -20.61 1.98 -66.99
C LEU A 240 -20.91 1.41 -65.59
N SER A 241 -21.28 0.14 -65.53
CA SER A 241 -21.59 -0.51 -64.25
C SER A 241 -20.88 -1.85 -64.15
N PRO A 242 -19.58 -1.82 -63.81
CA PRO A 242 -18.75 -3.02 -63.74
C PRO A 242 -19.16 -3.94 -62.59
N ASP A 243 -19.26 -5.24 -62.86
CA ASP A 243 -19.48 -6.21 -61.79
C ASP A 243 -18.18 -6.31 -61.02
N VAL A 244 -18.25 -6.05 -59.72
CA VAL A 244 -17.05 -6.00 -58.90
C VAL A 244 -17.03 -7.07 -57.82
N THR A 245 -16.08 -7.99 -57.92
CA THR A 245 -15.89 -9.00 -56.89
C THR A 245 -14.56 -8.75 -56.21
N LEU A 246 -14.25 -9.56 -55.20
CA LEU A 246 -13.00 -9.40 -54.47
C LEU A 246 -12.21 -10.70 -54.41
N GLU A 247 -11.05 -10.72 -55.04
CA GLU A 247 -10.16 -11.87 -55.00
C GLU A 247 -8.93 -11.48 -54.19
N GLY A 248 -8.84 -12.02 -52.97
CA GLY A 248 -7.79 -11.66 -52.04
C GLY A 248 -7.87 -10.21 -51.60
N ASP A 249 -6.74 -9.50 -51.69
CA ASP A 249 -6.68 -8.09 -51.37
C ASP A 249 -6.94 -7.27 -52.62
N ALA A 250 -7.22 -8.00 -53.71
CA ALA A 250 -7.43 -7.41 -55.02
C ALA A 250 -8.91 -7.35 -55.37
N PHE A 251 -9.31 -6.28 -56.05
CA PHE A 251 -10.65 -6.16 -56.59
C PHE A 251 -10.64 -6.44 -58.09
N VAL A 252 -11.68 -7.09 -58.58
CA VAL A 252 -11.79 -7.37 -60.01
C VAL A 252 -13.07 -6.75 -60.57
N ALA A 253 -12.88 -5.75 -61.43
CA ALA A 253 -14.01 -5.08 -62.09
C ALA A 253 -14.14 -5.58 -63.51
N THR A 254 -15.22 -6.31 -63.79
CA THR A 254 -15.41 -6.88 -65.12
C THR A 254 -16.84 -6.68 -65.64
N ALA A 255 -16.93 -6.13 -66.85
CA ALA A 255 -18.20 -5.93 -67.52
C ALA A 255 -18.00 -5.80 -69.02
N THR A 256 -19.08 -5.97 -69.78
CA THR A 256 -19.03 -5.82 -71.23
C THR A 256 -19.35 -4.39 -71.65
N ALA A 257 -18.53 -3.84 -72.56
CA ALA A 257 -18.70 -2.47 -73.02
C ALA A 257 -19.06 -2.42 -74.49
N THR A 258 -20.23 -1.85 -74.80
CA THR A 258 -20.69 -1.75 -76.17
C THR A 258 -20.27 -0.43 -76.80
N ALA A 259 -20.63 -0.25 -78.07
CA ALA A 259 -20.33 0.99 -78.79
C ALA A 259 -21.58 1.56 -79.42
N SER A 260 -21.66 2.88 -79.49
CA SER A 260 -22.86 3.56 -79.97
C SER A 260 -22.63 4.35 -81.26
N ALA A 261 -21.75 5.34 -81.19
CA ALA A 261 -21.44 6.21 -82.33
C ALA A 261 -22.68 6.91 -82.88
N GLU A 262 -23.22 7.94 -82.19
CA GLU A 262 -22.59 8.67 -81.07
C GLU A 262 -21.19 9.26 -81.35
N GLN A 263 -20.26 9.13 -80.40
CA GLN A 263 -19.01 9.88 -80.53
C GLN A 263 -17.73 9.26 -79.94
N GLU A 264 -16.62 9.45 -80.65
CA GLU A 264 -16.68 9.85 -82.05
C GLU A 264 -15.87 8.93 -82.95
N GLY A 265 -14.57 9.19 -83.07
CA GLY A 265 -13.66 8.25 -83.69
C GLY A 265 -12.65 7.61 -82.75
N ALA A 266 -12.44 8.26 -81.61
CA ALA A 266 -11.48 7.76 -80.63
C ALA A 266 -11.80 8.30 -79.23
N ARG A 267 -11.52 7.51 -78.21
CA ARG A 267 -11.73 7.93 -76.83
C ARG A 267 -10.72 7.27 -75.90
N GLN A 268 -10.85 7.53 -74.60
CA GLN A 268 -10.01 6.91 -73.59
C GLN A 268 -10.84 6.07 -72.63
N LEU A 269 -10.23 5.04 -72.06
CA LEU A 269 -10.90 4.21 -71.07
C LEU A 269 -10.41 4.58 -69.68
N VAL A 270 -11.32 5.07 -68.85
CA VAL A 270 -10.95 5.58 -67.54
C VAL A 270 -11.28 4.61 -66.40
N CYS A 271 -10.27 4.28 -65.60
CA CYS A 271 -10.47 3.46 -64.41
C CYS A 271 -9.75 4.10 -63.22
N ASN A 272 -10.51 4.54 -62.23
CA ASN A 272 -9.93 5.13 -61.03
C ASN A 272 -10.56 4.63 -59.73
N VAL A 273 -9.73 4.48 -58.70
CA VAL A 273 -10.18 3.93 -57.42
C VAL A 273 -9.74 4.79 -56.25
N THR A 274 -10.70 5.23 -55.45
CA THR A 274 -10.41 6.03 -54.27
C THR A 274 -10.50 5.19 -53.00
N LEU A 275 -9.39 5.11 -52.27
CA LEU A 275 -9.35 4.40 -50.99
C LEU A 275 -8.76 5.30 -49.92
N GLY A 276 -9.58 5.64 -48.92
CA GLY A 276 -9.15 6.54 -47.88
C GLY A 276 -8.89 7.94 -48.42
N GLY A 277 -7.69 8.45 -48.17
CA GLY A 277 -7.32 9.77 -48.63
C GLY A 277 -6.47 9.76 -49.89
N GLU A 278 -6.25 8.57 -50.45
CA GLU A 278 -5.44 8.43 -51.65
C GLU A 278 -6.20 7.72 -52.77
N ASN A 279 -5.74 7.92 -54.00
CA ASN A 279 -6.40 7.34 -55.17
C ASN A 279 -5.46 7.07 -56.33
N ARG A 280 -5.76 6.03 -57.10
CA ARG A 280 -4.93 5.64 -58.25
C ARG A 280 -5.76 5.53 -59.51
N GLU A 281 -5.15 5.81 -60.67
CA GLU A 281 -5.87 5.80 -61.94
C GLU A 281 -5.00 5.33 -63.10
N THR A 282 -5.61 4.56 -64.00
CA THR A 282 -4.95 4.11 -65.23
C THR A 282 -5.86 4.33 -66.43
N ARG A 283 -5.35 5.02 -67.44
CA ARG A 283 -6.15 5.36 -68.61
C ARG A 283 -5.54 4.81 -69.89
N GLU A 284 -6.27 3.91 -70.54
CA GLU A 284 -5.83 3.32 -71.81
C GLU A 284 -6.71 3.80 -72.96
N ASN A 285 -6.13 4.57 -73.87
CA ASN A 285 -6.88 5.09 -75.01
C ASN A 285 -7.30 3.99 -75.98
N VAL A 286 -8.54 4.08 -76.45
CA VAL A 286 -9.09 3.08 -77.36
C VAL A 286 -9.80 3.75 -78.54
N THR A 287 -9.39 3.38 -79.75
CA THR A 287 -9.98 3.94 -80.97
C THR A 287 -11.27 3.19 -81.33
N ILE A 288 -12.33 3.94 -81.59
CA ILE A 288 -13.62 3.35 -81.92
C ILE A 288 -13.98 3.58 -83.39
N TYR A 289 -14.40 2.51 -84.08
CA TYR A 289 -14.70 2.60 -85.51
C TYR A 289 -16.06 2.00 -85.84
N SER A 290 -16.65 2.49 -86.92
CA SER A 290 -17.86 1.90 -87.48
C SER A 290 -17.57 1.47 -88.91
N PHE A 291 -17.99 0.25 -89.26
CA PHE A 291 -17.67 -0.29 -90.58
C PHE A 291 -18.91 -0.44 -91.44
N PRO A 292 -19.06 0.44 -92.44
CA PRO A 292 -20.15 0.41 -93.41
C PRO A 292 -19.82 -0.51 -94.59
N ALA A 293 -20.03 -1.81 -94.40
CA ALA A 293 -19.74 -2.80 -95.44
C ALA A 293 -20.44 -2.48 -96.76
N PRO A 294 -19.67 -2.44 -97.85
CA PRO A 294 -20.16 -2.09 -99.20
C PRO A 294 -21.32 -2.96 -99.67
N LEU A 295 -22.15 -2.40 -100.55
CA LEU A 295 -23.35 -3.06 -101.05
C LEU A 295 -23.07 -3.79 -102.37
N LEU A 296 -23.74 -4.93 -102.54
CA LEU A 296 -23.56 -5.75 -103.75
C LEU A 296 -24.58 -5.41 -104.84
N THR A 297 -25.33 -4.33 -104.63
CA THR A 297 -26.47 -3.97 -105.48
C THR A 297 -26.08 -3.71 -106.94
N LEU A 298 -27.07 -3.82 -107.82
CA LEU A 298 -26.86 -3.75 -109.26
C LEU A 298 -27.70 -2.63 -109.89
N SER A 299 -27.35 -2.25 -111.12
CA SER A 299 -28.06 -1.21 -111.84
C SER A 299 -29.48 -1.61 -112.21
N GLU A 300 -29.70 -2.93 -112.30
CA GLU A 300 -31.01 -3.48 -112.68
C GLU A 300 -30.91 -5.01 -112.60
N PRO A 301 -31.96 -5.64 -112.03
CA PRO A 301 -31.95 -7.09 -111.75
C PRO A 301 -32.02 -8.01 -112.97
N SER A 302 -32.62 -7.57 -114.07
CA SER A 302 -32.83 -8.47 -115.20
C SER A 302 -31.88 -8.25 -116.37
N VAL A 303 -32.13 -7.19 -117.13
CA VAL A 303 -31.31 -6.74 -118.27
C VAL A 303 -31.08 -7.78 -119.38
N SER A 304 -31.94 -8.80 -119.44
CA SER A 304 -31.87 -9.84 -120.48
C SER A 304 -30.45 -10.34 -120.72
N GLU A 305 -30.03 -10.31 -121.98
CA GLU A 305 -28.65 -10.57 -122.35
C GLU A 305 -28.21 -9.68 -123.51
N GLY A 306 -27.00 -9.13 -123.41
CA GLY A 306 -26.47 -8.27 -124.45
C GLY A 306 -26.46 -6.80 -124.08
N GLN A 307 -27.19 -6.44 -123.03
CA GLN A 307 -27.23 -5.06 -122.57
C GLN A 307 -26.27 -4.85 -121.41
N MET A 308 -25.44 -3.81 -121.50
CA MET A 308 -24.42 -3.54 -120.49
C MET A 308 -25.02 -3.04 -119.19
N VAL A 309 -24.28 -3.21 -118.10
CA VAL A 309 -24.73 -2.76 -116.78
C VAL A 309 -23.61 -2.06 -116.03
N THR A 310 -23.99 -1.26 -115.03
CA THR A 310 -23.02 -0.56 -114.19
C THR A 310 -23.18 -0.99 -112.73
N VAL A 311 -22.17 -1.67 -112.20
CA VAL A 311 -22.22 -2.24 -110.86
C VAL A 311 -21.57 -1.31 -109.82
N THR A 312 -22.21 -1.17 -108.67
CA THR A 312 -21.71 -0.30 -107.61
C THR A 312 -21.54 -1.04 -106.28
N CYS A 313 -20.71 -0.50 -105.40
CA CYS A 313 -20.35 -1.14 -104.14
C CYS A 313 -20.73 -0.29 -102.91
N ALA A 314 -20.14 0.90 -102.82
CA ALA A 314 -20.40 1.87 -101.74
C ALA A 314 -19.98 1.41 -100.35
N ALA A 315 -18.67 1.34 -100.14
CA ALA A 315 -18.09 1.09 -98.82
C ALA A 315 -18.13 2.35 -97.96
N GLY A 316 -18.56 3.46 -98.55
CA GLY A 316 -18.66 4.72 -97.82
C GLY A 316 -17.46 5.64 -97.98
N ALA A 317 -16.71 5.44 -99.06
CA ALA A 317 -15.55 6.27 -99.39
C ALA A 317 -14.50 6.29 -98.28
N GLN A 318 -14.32 5.16 -97.62
CA GLN A 318 -13.31 5.02 -96.58
C GLN A 318 -12.27 3.99 -97.00
N ALA A 319 -12.70 2.73 -97.09
CA ALA A 319 -11.84 1.64 -97.51
C ALA A 319 -11.64 1.65 -99.02
N LEU A 320 -10.53 1.07 -99.46
CA LEU A 320 -10.28 0.91 -100.89
C LEU A 320 -11.14 -0.23 -101.42
N VAL A 321 -11.96 0.07 -102.43
CA VAL A 321 -12.96 -0.88 -102.90
C VAL A 321 -12.49 -1.72 -104.09
N THR A 322 -12.60 -3.03 -103.94
CA THR A 322 -12.34 -3.96 -105.04
C THR A 322 -13.51 -4.91 -105.25
N LEU A 323 -14.18 -4.78 -106.39
CA LEU A 323 -15.38 -5.55 -106.68
C LEU A 323 -15.09 -6.60 -107.74
N GLU A 324 -15.07 -7.88 -107.33
CA GLU A 324 -14.66 -8.97 -108.20
C GLU A 324 -13.25 -8.70 -108.74
N GLY A 325 -12.33 -8.42 -107.82
CA GLY A 325 -10.92 -8.25 -108.14
C GLY A 325 -10.58 -7.06 -109.01
N VAL A 326 -11.41 -6.03 -109.01
CA VAL A 326 -11.07 -4.82 -109.75
C VAL A 326 -10.73 -3.64 -108.83
N PRO A 327 -9.49 -3.14 -108.95
CA PRO A 327 -9.06 -1.96 -108.21
C PRO A 327 -9.65 -0.70 -108.82
N ALA A 328 -10.95 -0.49 -108.60
CA ALA A 328 -11.64 0.72 -109.02
C ALA A 328 -10.88 1.92 -108.45
N ALA A 329 -10.49 2.92 -109.26
CA ALA A 329 -10.99 3.26 -110.61
C ALA A 329 -12.48 3.57 -110.70
N VAL A 330 -12.89 4.72 -110.14
CA VAL A 330 -11.98 5.64 -109.44
C VAL A 330 -12.33 5.66 -107.94
N PRO A 331 -11.32 5.90 -107.08
CA PRO A 331 -11.53 5.81 -105.62
C PRO A 331 -12.55 6.78 -105.03
N GLY A 332 -12.77 6.67 -103.72
CA GLY A 332 -13.71 7.51 -103.02
C GLY A 332 -15.14 7.31 -103.50
N GLN A 333 -15.48 6.09 -103.90
CA GLN A 333 -16.77 5.81 -104.52
C GLN A 333 -16.98 4.33 -104.83
N PRO A 334 -18.25 3.90 -104.90
CA PRO A 334 -18.68 2.60 -105.44
C PRO A 334 -18.39 2.52 -106.93
N ALA A 335 -17.13 2.65 -107.32
CA ALA A 335 -16.79 2.81 -108.72
C ALA A 335 -17.16 1.61 -109.58
N GLN A 336 -17.42 1.89 -110.85
CA GLN A 336 -18.18 1.01 -111.73
C GLN A 336 -17.40 -0.12 -112.42
N LEU A 337 -18.09 -1.22 -112.62
CA LEU A 337 -17.64 -2.31 -113.48
C LEU A 337 -18.64 -2.47 -114.61
N GLN A 338 -18.20 -2.17 -115.83
CA GLN A 338 -19.09 -2.22 -116.99
C GLN A 338 -18.95 -3.54 -117.74
N LEU A 339 -20.02 -4.31 -117.77
CA LEU A 339 -20.00 -5.63 -118.41
C LEU A 339 -21.26 -5.89 -119.23
N ASN A 340 -21.07 -6.33 -120.47
CA ASN A 340 -22.19 -6.73 -121.31
C ASN A 340 -22.64 -8.15 -121.00
N ALA A 341 -23.94 -8.32 -120.80
CA ALA A 341 -24.50 -9.60 -120.37
C ALA A 341 -24.27 -10.71 -121.38
N THR A 342 -23.79 -11.85 -120.89
CA THR A 342 -23.53 -13.01 -121.72
C THR A 342 -24.13 -14.25 -121.08
N GLU A 343 -24.52 -15.23 -121.91
CA GLU A 343 -25.11 -16.47 -121.43
C GLU A 343 -24.15 -17.24 -120.53
N ASN A 344 -22.86 -17.11 -120.79
CA ASN A 344 -21.83 -17.78 -120.00
C ASN A 344 -21.58 -17.07 -118.66
N ASP A 345 -22.10 -15.85 -118.55
CA ASP A 345 -21.92 -15.04 -117.34
C ASP A 345 -23.05 -15.27 -116.34
N ASP A 346 -23.94 -16.20 -116.66
CA ASP A 346 -25.09 -16.49 -115.81
C ASP A 346 -24.67 -16.93 -114.40
N ARG A 347 -25.21 -16.25 -113.40
CA ARG A 347 -24.93 -16.54 -112.00
C ARG A 347 -23.45 -16.51 -111.66
N ARG A 348 -22.83 -15.34 -111.79
CA ARG A 348 -21.43 -15.16 -111.41
C ARG A 348 -21.32 -14.30 -110.16
N SER A 349 -20.50 -14.74 -109.22
CA SER A 349 -20.33 -14.03 -107.96
C SER A 349 -19.36 -12.86 -108.10
N PHE A 350 -19.76 -11.71 -107.54
CA PHE A 350 -18.88 -10.55 -107.50
C PHE A 350 -18.28 -10.43 -106.10
N PHE A 351 -16.95 -10.50 -106.01
CA PHE A 351 -16.28 -10.44 -104.72
C PHE A 351 -15.89 -9.01 -104.37
N CYS A 352 -16.54 -8.46 -103.36
CA CYS A 352 -16.29 -7.08 -102.96
C CYS A 352 -15.48 -7.00 -101.68
N ASP A 353 -14.26 -6.45 -101.79
CA ASP A 353 -13.38 -6.32 -100.64
C ASP A 353 -13.21 -4.87 -100.24
N ALA A 354 -13.22 -4.63 -98.93
CA ALA A 354 -13.00 -3.29 -98.40
C ALA A 354 -11.91 -3.32 -97.33
N THR A 355 -10.80 -2.65 -97.62
CA THR A 355 -9.66 -2.62 -96.70
C THR A 355 -9.61 -1.29 -95.94
N LEU A 356 -9.90 -1.36 -94.65
CA LEU A 356 -9.94 -0.16 -93.82
C LEU A 356 -8.94 -0.25 -92.67
N ASP A 357 -8.13 0.78 -92.51
CA ASP A 357 -7.13 0.81 -91.45
C ASP A 357 -7.50 1.81 -90.35
N VAL A 358 -7.53 1.31 -89.11
CA VAL A 358 -7.80 2.16 -87.96
C VAL A 358 -6.77 1.91 -86.85
N ASP A 359 -6.15 2.99 -86.40
CA ASP A 359 -5.12 2.95 -85.36
C ASP A 359 -3.96 2.04 -85.73
N GLY A 360 -3.72 1.90 -87.04
CA GLY A 360 -2.61 1.10 -87.53
C GLY A 360 -2.93 -0.38 -87.69
N GLU A 361 -4.21 -0.73 -87.68
CA GLU A 361 -4.62 -2.13 -87.85
C GLU A 361 -5.59 -2.29 -89.02
N THR A 362 -5.37 -3.34 -89.82
CA THR A 362 -6.15 -3.57 -91.02
C THR A 362 -7.26 -4.60 -90.79
N LEU A 363 -8.48 -4.26 -91.20
CA LEU A 363 -9.62 -5.17 -91.07
C LEU A 363 -10.43 -5.27 -92.36
N ILE A 364 -10.82 -6.49 -92.71
CA ILE A 364 -11.58 -6.74 -93.94
C ILE A 364 -12.71 -7.75 -93.72
N LYS A 365 -13.79 -7.58 -94.48
CA LYS A 365 -14.89 -8.54 -94.48
C LYS A 365 -15.38 -8.79 -95.90
N ASN A 366 -15.81 -10.01 -96.19
CA ASN A 366 -16.09 -10.43 -97.55
C ASN A 366 -17.39 -11.22 -97.73
N ARG A 367 -18.01 -11.06 -98.90
CA ARG A 367 -19.16 -11.85 -99.31
C ARG A 367 -19.35 -11.73 -100.81
N SER A 368 -20.43 -12.30 -101.34
CA SER A 368 -20.66 -12.29 -102.78
C SER A 368 -22.15 -12.33 -103.14
N ALA A 369 -22.48 -11.79 -104.31
CA ALA A 369 -23.84 -11.85 -104.85
C ALA A 369 -23.79 -12.22 -106.33
N GLU A 370 -24.91 -12.72 -106.85
CA GLU A 370 -24.95 -13.20 -108.23
C GLU A 370 -25.94 -12.40 -109.09
N LEU A 371 -25.99 -12.74 -110.36
CA LEU A 371 -26.92 -12.13 -111.30
C LEU A 371 -27.44 -13.17 -112.29
N ARG A 372 -28.76 -13.22 -112.47
CA ARG A 372 -29.35 -14.17 -113.40
C ARG A 372 -29.35 -13.61 -114.82
N VAL A 373 -29.12 -14.48 -115.79
CA VAL A 373 -29.11 -14.09 -117.19
C VAL A 373 -30.12 -14.88 -118.00
N LEU A 374 -31.12 -14.18 -118.52
CA LEU A 374 -32.17 -14.83 -119.30
C LEU A 374 -31.68 -15.20 -120.70
N GLU B 1 -22.60 -12.29 -27.68
CA GLU B 1 -22.88 -11.69 -26.39
C GLU B 1 -24.27 -12.09 -25.88
N PRO B 2 -24.34 -13.13 -25.04
CA PRO B 2 -25.59 -13.61 -24.46
C PRO B 2 -26.09 -12.67 -23.35
N PHE B 3 -27.23 -13.02 -22.76
CA PHE B 3 -27.79 -12.24 -21.66
C PHE B 3 -26.93 -12.41 -20.41
N TRP B 4 -26.79 -11.34 -19.64
CA TRP B 4 -25.93 -11.35 -18.46
C TRP B 4 -26.65 -10.88 -17.21
N ALA B 5 -26.10 -11.25 -16.05
CA ALA B 5 -26.62 -10.79 -14.76
C ALA B 5 -25.49 -10.14 -13.97
N ASP B 6 -25.82 -9.06 -13.26
CA ASP B 6 -24.81 -8.33 -12.50
C ASP B 6 -25.34 -7.83 -11.16
N LEU B 7 -24.56 -8.05 -10.10
CA LEU B 7 -24.89 -7.54 -8.78
C LEU B 7 -23.90 -6.46 -8.35
N GLN B 8 -24.35 -5.52 -7.54
CA GLN B 8 -23.52 -4.40 -7.13
C GLN B 8 -23.45 -4.28 -5.61
N PRO B 9 -22.25 -3.99 -5.08
CA PRO B 9 -21.01 -3.94 -5.85
C PRO B 9 -20.37 -5.32 -5.97
N ARG B 10 -19.28 -5.40 -6.73
CA ARG B 10 -18.55 -6.66 -6.88
C ARG B 10 -18.05 -7.17 -5.54
N VAL B 11 -17.08 -6.46 -4.97
CA VAL B 11 -16.55 -6.80 -3.66
C VAL B 11 -16.79 -5.65 -2.69
N ALA B 12 -17.05 -5.99 -1.43
CA ALA B 12 -17.34 -4.97 -0.43
C ALA B 12 -16.74 -5.32 0.94
N PHE B 13 -16.11 -4.33 1.56
CA PHE B 13 -15.55 -4.50 2.89
C PHE B 13 -16.34 -3.67 3.89
N VAL B 14 -16.89 -4.34 4.89
CA VAL B 14 -17.69 -3.67 5.91
C VAL B 14 -17.30 -4.16 7.30
N GLU B 15 -17.30 -3.25 8.27
CA GLU B 15 -16.97 -3.61 9.64
C GLU B 15 -17.93 -4.68 10.15
N ARG B 16 -17.40 -5.60 10.96
CA ARG B 16 -18.17 -6.74 11.43
C ARG B 16 -19.42 -6.31 12.19
N GLY B 17 -20.56 -6.85 11.78
CA GLY B 17 -21.84 -6.48 12.38
C GLY B 17 -22.52 -5.36 11.63
N GLY B 18 -21.91 -4.93 10.54
CA GLY B 18 -22.44 -3.83 9.74
C GLY B 18 -23.50 -4.25 8.75
N SER B 19 -23.73 -3.42 7.75
CA SER B 19 -24.75 -3.70 6.74
C SER B 19 -24.46 -2.95 5.43
N LEU B 20 -25.09 -3.42 4.34
CA LEU B 20 -24.97 -2.76 3.05
C LEU B 20 -26.13 -3.15 2.14
N TRP B 21 -26.14 -2.58 0.93
CA TRP B 21 -27.18 -2.88 -0.04
C TRP B 21 -26.61 -3.65 -1.24
N LEU B 22 -27.11 -4.86 -1.44
CA LEU B 22 -26.71 -5.68 -2.58
C LEU B 22 -27.79 -5.60 -3.66
N ASN B 23 -27.44 -5.02 -4.81
CA ASN B 23 -28.41 -4.76 -5.86
C ASN B 23 -28.16 -5.60 -7.11
N CYS B 24 -29.06 -6.54 -7.38
CA CYS B 24 -28.92 -7.43 -8.53
C CYS B 24 -29.70 -6.92 -9.74
N SER B 25 -29.01 -6.79 -10.87
CA SER B 25 -29.63 -6.32 -12.10
C SER B 25 -29.33 -7.26 -13.27
N THR B 26 -30.12 -7.14 -14.33
CA THR B 26 -29.94 -7.98 -15.51
C THR B 26 -30.46 -7.28 -16.77
N ASN B 27 -29.95 -7.71 -17.93
CA ASN B 27 -30.36 -7.14 -19.20
C ASN B 27 -31.45 -7.96 -19.89
N CYS B 28 -31.89 -9.02 -19.23
CA CYS B 28 -32.93 -9.90 -19.78
C CYS B 28 -34.23 -9.12 -20.01
N PRO B 29 -34.77 -9.20 -21.23
CA PRO B 29 -35.96 -8.43 -21.63
C PRO B 29 -37.21 -8.82 -20.85
N ARG B 30 -37.37 -10.10 -20.55
CA ARG B 30 -38.54 -10.57 -19.81
C ARG B 30 -38.18 -11.60 -18.74
N PRO B 31 -37.55 -11.13 -17.65
CA PRO B 31 -37.12 -12.02 -16.56
C PRO B 31 -38.30 -12.71 -15.89
N GLU B 32 -38.17 -14.02 -15.73
CA GLU B 32 -39.18 -14.79 -15.05
C GLU B 32 -38.98 -14.71 -13.53
N ARG B 33 -37.89 -15.30 -13.07
CA ARG B 33 -37.56 -15.39 -11.65
C ARG B 33 -36.31 -14.57 -11.31
N GLY B 34 -36.28 -14.05 -10.09
CA GLY B 34 -35.14 -13.31 -9.59
C GLY B 34 -35.05 -13.41 -8.08
N GLY B 35 -33.87 -13.15 -7.55
CA GLY B 35 -33.64 -13.27 -6.12
C GLY B 35 -32.17 -13.33 -5.78
N LEU B 36 -31.87 -13.42 -4.49
CA LEU B 36 -30.49 -13.43 -4.03
C LEU B 36 -30.27 -14.59 -3.08
N GLU B 37 -29.24 -15.39 -3.33
CA GLU B 37 -28.96 -16.55 -2.52
C GLU B 37 -27.72 -16.33 -1.67
N THR B 38 -27.91 -16.21 -0.36
CA THR B 38 -26.80 -16.03 0.56
C THR B 38 -27.15 -16.53 1.96
N SER B 39 -26.18 -16.48 2.87
CA SER B 39 -26.37 -16.96 4.23
C SER B 39 -26.70 -15.85 5.23
N LEU B 40 -26.72 -14.61 4.76
CA LEU B 40 -26.92 -13.46 5.64
C LEU B 40 -28.41 -13.20 5.88
N ARG B 41 -28.73 -12.07 6.50
CA ARG B 41 -30.12 -11.73 6.77
C ARG B 41 -30.58 -10.53 5.97
N ARG B 42 -31.86 -10.20 6.09
CA ARG B 42 -32.44 -9.08 5.35
C ARG B 42 -33.37 -8.22 6.21
N ASN B 43 -33.01 -6.95 6.38
CA ASN B 43 -33.87 -6.00 7.08
C ASN B 43 -34.97 -5.45 6.21
N GLY B 44 -34.67 -5.25 4.93
CA GLY B 44 -35.63 -4.72 3.98
C GLY B 44 -35.12 -4.82 2.55
N THR B 45 -36.01 -4.57 1.58
CA THR B 45 -35.64 -4.67 0.17
C THR B 45 -36.19 -3.50 -0.64
N GLN B 46 -35.65 -3.34 -1.85
CA GLN B 46 -36.17 -2.39 -2.82
C GLN B 46 -36.31 -3.09 -4.17
N ARG B 47 -37.53 -3.12 -4.70
CA ARG B 47 -37.82 -3.93 -5.87
C ARG B 47 -38.15 -3.08 -7.10
N GLY B 48 -37.85 -3.63 -8.28
CA GLY B 48 -38.14 -2.98 -9.55
C GLY B 48 -38.12 -3.97 -10.69
N LEU B 49 -38.25 -3.45 -11.92
CA LEU B 49 -38.20 -4.30 -13.09
C LEU B 49 -36.77 -4.47 -13.57
N ARG B 50 -36.36 -5.72 -13.79
CA ARG B 50 -35.01 -6.07 -14.22
C ARG B 50 -33.92 -5.83 -13.17
N TRP B 51 -34.29 -5.24 -12.04
CA TRP B 51 -33.35 -5.02 -10.96
C TRP B 51 -33.96 -5.32 -9.59
N LEU B 52 -33.17 -5.95 -8.73
CA LEU B 52 -33.61 -6.28 -7.38
C LEU B 52 -32.56 -5.91 -6.35
N ALA B 53 -32.95 -5.07 -5.38
CA ALA B 53 -32.03 -4.63 -4.33
C ALA B 53 -32.29 -5.38 -3.04
N ARG B 54 -31.22 -5.67 -2.30
CA ARG B 54 -31.31 -6.40 -1.06
C ARG B 54 -30.40 -5.79 0.01
N GLN B 55 -30.97 -5.52 1.18
CA GLN B 55 -30.19 -5.00 2.31
C GLN B 55 -29.76 -6.14 3.21
N LEU B 56 -28.46 -6.41 3.26
CA LEU B 56 -27.94 -7.47 4.10
C LEU B 56 -27.34 -6.90 5.38
N VAL B 57 -28.01 -7.11 6.50
CA VAL B 57 -27.56 -6.58 7.78
C VAL B 57 -26.94 -7.68 8.63
N ASP B 58 -26.41 -7.28 9.79
CA ASP B 58 -25.86 -8.19 10.79
C ASP B 58 -24.91 -9.22 10.19
N ILE B 59 -23.89 -8.76 9.47
CA ILE B 59 -22.97 -9.69 8.84
C ILE B 59 -21.77 -9.94 9.75
N ARG B 60 -21.74 -11.12 10.34
CA ARG B 60 -20.62 -11.53 11.20
C ARG B 60 -19.66 -12.47 10.48
N GLU B 61 -19.98 -12.80 9.24
CA GLU B 61 -19.19 -13.77 8.47
C GLU B 61 -17.90 -13.14 7.96
N PRO B 62 -16.75 -13.78 8.26
CA PRO B 62 -15.45 -13.30 7.80
C PRO B 62 -15.34 -13.27 6.28
N GLU B 63 -15.79 -14.34 5.63
CA GLU B 63 -15.81 -14.40 4.17
C GLU B 63 -17.06 -15.13 3.66
N THR B 64 -17.74 -14.50 2.71
CA THR B 64 -18.92 -15.11 2.10
C THR B 64 -19.09 -14.63 0.66
N GLN B 65 -19.68 -15.48 -0.18
CA GLN B 65 -19.85 -15.15 -1.59
C GLN B 65 -21.31 -15.23 -2.01
N PRO B 66 -22.02 -14.09 -1.93
CA PRO B 66 -23.44 -14.03 -2.31
C PRO B 66 -23.60 -14.11 -3.83
N VAL B 67 -24.65 -14.79 -4.28
CA VAL B 67 -24.89 -14.95 -5.70
C VAL B 67 -26.30 -14.51 -6.11
N CYS B 68 -26.38 -13.52 -6.99
CA CYS B 68 -27.65 -13.06 -7.52
C CYS B 68 -27.99 -13.87 -8.77
N PHE B 69 -29.25 -14.31 -8.85
CA PHE B 69 -29.67 -15.17 -9.97
C PHE B 69 -30.94 -14.69 -10.65
N PHE B 70 -30.96 -14.82 -11.97
CA PHE B 70 -32.15 -14.51 -12.77
C PHE B 70 -32.42 -15.66 -13.73
N ARG B 71 -33.68 -15.82 -14.11
CA ARG B 71 -34.03 -16.82 -15.12
C ARG B 71 -34.85 -16.21 -16.24
N CYS B 72 -34.27 -16.21 -17.43
CA CYS B 72 -34.97 -15.72 -18.61
C CYS B 72 -34.57 -16.58 -19.79
N ALA B 73 -35.49 -16.72 -20.75
CA ALA B 73 -35.32 -17.63 -21.88
C ALA B 73 -35.03 -19.05 -21.43
N ARG B 74 -35.57 -19.43 -20.28
CA ARG B 74 -35.41 -20.78 -19.74
C ARG B 74 -33.94 -21.14 -19.49
N ARG B 75 -33.18 -20.16 -19.02
CA ARG B 75 -31.78 -20.36 -18.63
C ARG B 75 -31.45 -19.53 -17.39
N THR B 76 -30.45 -19.97 -16.63
CA THR B 76 -30.06 -19.27 -15.41
C THR B 76 -28.97 -18.24 -15.64
N LEU B 77 -29.18 -17.04 -15.11
CA LEU B 77 -28.18 -15.99 -15.19
C LEU B 77 -27.65 -15.70 -13.79
N GLN B 78 -26.39 -16.07 -13.54
CA GLN B 78 -25.81 -15.93 -12.22
C GLN B 78 -24.84 -14.76 -12.10
N ALA B 79 -24.91 -14.06 -10.97
CA ALA B 79 -23.97 -13.00 -10.65
C ALA B 79 -23.46 -13.20 -9.22
N ARG B 80 -22.16 -13.45 -9.09
CA ARG B 80 -21.59 -13.81 -7.80
C ARG B 80 -20.69 -12.70 -7.25
N GLY B 81 -21.01 -12.20 -6.06
CA GLY B 81 -20.23 -11.17 -5.41
C GLY B 81 -19.39 -11.69 -4.26
N LEU B 82 -18.73 -10.77 -3.55
CA LEU B 82 -17.90 -11.15 -2.41
C LEU B 82 -18.05 -10.18 -1.25
N ILE B 83 -18.32 -10.72 -0.06
CA ILE B 83 -18.46 -9.90 1.15
C ILE B 83 -17.44 -10.30 2.20
N ARG B 84 -16.57 -9.37 2.57
CA ARG B 84 -15.57 -9.62 3.60
C ARG B 84 -15.72 -8.64 4.75
N THR B 85 -15.54 -9.13 5.97
CA THR B 85 -15.70 -8.30 7.16
C THR B 85 -14.40 -8.21 7.96
N PHE B 86 -14.20 -7.06 8.60
CA PHE B 86 -13.02 -6.84 9.42
C PHE B 86 -13.41 -6.43 10.84
N GLN B 87 -12.63 -6.88 11.82
CA GLN B 87 -12.88 -6.52 13.21
C GLN B 87 -11.78 -5.60 13.73
N ARG B 88 -12.17 -4.40 14.12
CA ARG B 88 -11.25 -3.41 14.64
C ARG B 88 -10.70 -3.88 15.99
N PRO B 89 -9.38 -3.80 16.17
CA PRO B 89 -8.74 -4.26 17.41
C PRO B 89 -9.11 -3.39 18.61
N ASP B 90 -10.36 -3.43 19.01
CA ASP B 90 -10.83 -2.67 20.17
C ASP B 90 -10.26 -3.29 21.44
N ARG B 91 -9.87 -4.55 21.33
CA ARG B 91 -9.34 -5.26 22.48
C ARG B 91 -7.86 -5.53 22.32
N VAL B 92 -7.06 -4.86 23.16
CA VAL B 92 -5.63 -5.14 23.23
C VAL B 92 -5.22 -5.33 24.69
N GLU B 93 -4.76 -6.53 25.01
CA GLU B 93 -4.39 -6.88 26.37
C GLU B 93 -2.94 -7.34 26.45
N LEU B 94 -2.28 -7.00 27.56
CA LEU B 94 -0.91 -7.42 27.78
C LEU B 94 -0.80 -8.31 29.01
N MET B 95 0.07 -9.31 28.93
CA MET B 95 0.29 -10.22 30.06
C MET B 95 0.84 -9.47 31.27
N PRO B 96 0.24 -9.72 32.44
CA PRO B 96 0.68 -9.11 33.70
C PRO B 96 2.13 -9.46 34.01
N LEU B 97 2.93 -8.46 34.37
CA LEU B 97 4.33 -8.67 34.71
C LEU B 97 4.48 -9.12 36.17
N PRO B 98 5.50 -9.93 36.44
CA PRO B 98 5.81 -10.38 37.80
C PRO B 98 6.05 -9.20 38.74
N PRO B 99 5.62 -9.32 40.00
CA PRO B 99 5.78 -8.26 41.00
C PRO B 99 7.24 -7.83 41.16
N TRP B 100 8.12 -8.82 41.26
CA TRP B 100 9.55 -8.54 41.32
C TRP B 100 10.34 -9.51 40.43
N GLN B 101 11.04 -8.95 39.45
CA GLN B 101 11.79 -9.75 38.50
C GLN B 101 13.29 -9.65 38.74
N PRO B 102 13.92 -10.77 39.11
CA PRO B 102 15.37 -10.82 39.35
C PRO B 102 16.17 -10.49 38.09
N VAL B 103 17.13 -9.58 38.22
CA VAL B 103 17.97 -9.17 37.10
C VAL B 103 18.88 -10.32 36.68
N GLY B 104 18.89 -10.63 35.38
CA GLY B 104 19.71 -11.71 34.86
C GLY B 104 18.90 -12.95 34.55
N GLU B 105 17.58 -12.83 34.63
CA GLU B 105 16.69 -13.93 34.30
C GLU B 105 15.61 -13.48 33.31
N ASN B 106 15.26 -14.37 32.39
CA ASN B 106 14.24 -14.07 31.39
C ASN B 106 12.84 -14.01 31.99
N PHE B 107 11.95 -13.30 31.32
CA PHE B 107 10.54 -13.24 31.71
C PHE B 107 9.68 -13.10 30.45
N THR B 108 8.51 -13.74 30.47
CA THR B 108 7.67 -13.79 29.29
C THR B 108 6.89 -12.50 29.07
N LEU B 109 7.12 -11.87 27.92
CA LEU B 109 6.37 -10.68 27.52
C LEU B 109 5.44 -11.09 26.38
N SER B 110 4.14 -11.11 26.66
CA SER B 110 3.17 -11.61 25.69
C SER B 110 1.96 -10.70 25.56
N CYS B 111 1.72 -10.20 24.36
CA CYS B 111 0.52 -9.40 24.10
C CYS B 111 -0.59 -10.29 23.58
N ARG B 112 -1.78 -9.72 23.40
CA ARG B 112 -2.91 -10.47 22.90
C ARG B 112 -3.87 -9.54 22.16
N VAL B 113 -4.44 -10.03 21.05
CA VAL B 113 -5.44 -9.26 20.30
C VAL B 113 -6.56 -10.19 19.84
N PRO B 114 -7.43 -10.61 20.77
CA PRO B 114 -8.50 -11.55 20.41
C PRO B 114 -9.63 -10.90 19.60
N GLY B 115 -10.15 -11.62 18.62
CA GLY B 115 -11.31 -11.18 17.86
C GLY B 115 -10.99 -10.37 16.62
N ALA B 116 -9.80 -9.77 16.60
CA ALA B 116 -9.43 -8.87 15.50
C ALA B 116 -9.16 -9.62 14.20
N GLY B 117 -9.67 -9.08 13.11
CA GLY B 117 -9.50 -9.69 11.79
C GLY B 117 -9.51 -8.66 10.67
N PRO B 118 -9.03 -9.05 9.48
CA PRO B 118 -8.45 -10.36 9.17
C PRO B 118 -7.06 -10.52 9.77
N ARG B 119 -6.72 -11.75 10.17
CA ARG B 119 -5.46 -12.02 10.86
C ARG B 119 -4.22 -11.62 10.05
N ALA B 120 -4.30 -11.78 8.74
CA ALA B 120 -3.16 -11.49 7.86
C ALA B 120 -2.82 -10.00 7.81
N SER B 121 -3.81 -9.16 8.10
CA SER B 121 -3.62 -7.72 8.05
C SER B 121 -3.08 -7.16 9.36
N LEU B 122 -3.10 -7.99 10.41
CA LEU B 122 -2.66 -7.56 11.73
C LEU B 122 -1.13 -7.52 11.86
N THR B 123 -0.61 -6.41 12.35
CA THR B 123 0.80 -6.29 12.65
C THR B 123 0.99 -5.99 14.14
N LEU B 124 1.53 -6.96 14.87
CA LEU B 124 1.71 -6.82 16.31
C LEU B 124 3.15 -6.44 16.66
N THR B 125 3.31 -5.48 17.57
CA THR B 125 4.63 -5.03 17.96
C THR B 125 4.73 -4.78 19.46
N LEU B 126 5.74 -5.37 20.09
CA LEU B 126 6.02 -5.11 21.50
C LEU B 126 6.91 -3.88 21.63
N LEU B 127 6.65 -3.07 22.65
CA LEU B 127 7.38 -1.82 22.81
C LEU B 127 7.84 -1.62 24.25
N ARG B 128 9.03 -1.04 24.43
CA ARG B 128 9.32 -0.51 25.76
C ARG B 128 9.33 1.01 25.67
N GLY B 129 8.15 1.57 25.89
CA GLY B 129 7.86 2.93 26.31
C GLY B 129 8.05 4.01 25.27
N ALA B 130 9.19 4.00 24.58
CA ALA B 130 9.37 4.73 23.33
C ALA B 130 9.67 3.83 22.12
N GLN B 131 9.92 2.55 22.39
CA GLN B 131 10.87 1.81 21.57
C GLN B 131 10.34 0.55 20.89
N GLU B 132 10.79 0.33 19.66
CA GLU B 132 10.48 -0.91 18.94
C GLU B 132 11.30 -2.04 19.53
N LEU B 133 10.63 -3.10 19.96
CA LEU B 133 11.32 -4.26 20.53
C LEU B 133 11.28 -5.42 19.52
N ILE B 134 10.09 -5.91 19.24
CA ILE B 134 9.92 -6.97 18.25
C ILE B 134 8.68 -6.74 17.38
N ARG B 135 8.84 -6.85 16.07
CA ARG B 135 7.74 -6.66 15.14
C ARG B 135 7.36 -7.98 14.46
N ARG B 136 6.06 -8.26 14.42
CA ARG B 136 5.57 -9.51 13.85
C ARG B 136 4.50 -9.26 12.79
N SER B 137 4.79 -9.66 11.55
CA SER B 137 3.83 -9.55 10.47
C SER B 137 3.12 -10.88 10.23
N PHE B 138 1.80 -10.85 10.29
CA PHE B 138 0.99 -12.07 10.18
C PHE B 138 0.54 -12.36 8.74
N ALA B 139 1.02 -11.57 7.79
CA ALA B 139 0.70 -11.78 6.39
C ALA B 139 0.99 -13.22 5.95
N GLY B 140 0.02 -13.83 5.27
CA GLY B 140 0.13 -15.22 4.87
C GLY B 140 -0.80 -16.13 5.64
N GLU B 141 -1.43 -15.59 6.68
CA GLU B 141 -2.43 -16.32 7.45
C GLU B 141 -3.77 -16.34 6.69
N PRO B 142 -4.60 -17.35 6.97
CA PRO B 142 -5.93 -17.46 6.35
C PRO B 142 -6.78 -16.21 6.56
N PRO B 143 -7.55 -15.81 5.52
CA PRO B 143 -8.37 -14.60 5.55
C PRO B 143 -9.55 -14.70 6.51
N ARG B 144 -10.07 -15.93 6.66
CA ARG B 144 -11.14 -16.18 7.60
C ARG B 144 -10.58 -16.45 8.98
N ALA B 145 -9.44 -16.12 9.30
CA ALA B 145 -8.88 -16.24 10.64
C ALA B 145 -8.90 -14.92 11.39
N ARG B 146 -9.21 -14.98 12.68
CA ARG B 146 -9.27 -13.79 13.51
C ARG B 146 -8.33 -13.90 14.71
N GLY B 147 -7.86 -12.76 15.19
CA GLY B 147 -7.03 -12.70 16.38
C GLY B 147 -5.56 -12.93 16.11
N ALA B 148 -4.72 -12.36 16.96
CA ALA B 148 -3.28 -12.54 16.88
C ALA B 148 -2.65 -12.45 18.26
N VAL B 149 -1.63 -13.26 18.49
CA VAL B 149 -0.93 -13.25 19.78
C VAL B 149 0.59 -13.24 19.56
N LEU B 150 1.25 -12.21 20.09
CA LEU B 150 2.70 -12.09 19.95
C LEU B 150 3.40 -12.29 21.29
N THR B 151 4.25 -13.31 21.35
CA THR B 151 5.00 -13.62 22.56
C THR B 151 6.50 -13.53 22.30
N ALA B 152 7.18 -12.71 23.11
CA ALA B 152 8.64 -12.60 23.01
C ALA B 152 9.27 -12.58 24.39
N THR B 153 10.20 -13.51 24.62
CA THR B 153 10.90 -13.59 25.90
C THR B 153 12.18 -12.75 25.87
N VAL B 154 12.27 -11.80 26.80
CA VAL B 154 13.43 -10.92 26.87
C VAL B 154 14.11 -10.98 28.23
N LEU B 155 15.40 -10.69 28.26
CA LEU B 155 16.17 -10.72 29.49
C LEU B 155 15.95 -9.44 30.31
N ALA B 156 15.91 -9.60 31.63
CA ALA B 156 15.70 -8.47 32.53
C ALA B 156 17.03 -7.84 32.92
N ARG B 157 17.09 -6.51 32.86
CA ARG B 157 18.30 -5.78 33.19
C ARG B 157 18.05 -4.78 34.31
N ARG B 158 19.15 -4.32 34.92
CA ARG B 158 19.06 -3.36 36.01
C ARG B 158 18.59 -2.00 35.49
N GLU B 159 18.90 -1.72 34.23
CA GLU B 159 18.56 -0.43 33.61
C GLU B 159 17.07 -0.31 33.32
N ASP B 160 16.39 -1.44 33.24
CA ASP B 160 14.98 -1.47 32.85
C ASP B 160 14.03 -1.33 34.03
N HIS B 161 14.58 -1.12 35.22
CA HIS B 161 13.76 -0.95 36.42
C HIS B 161 12.85 0.26 36.30
N GLY B 162 11.55 0.05 36.51
CA GLY B 162 10.58 1.12 36.46
C GLY B 162 10.19 1.53 35.05
N ALA B 163 10.52 0.69 34.07
CA ALA B 163 10.18 0.97 32.68
C ALA B 163 8.87 0.31 32.28
N ASN B 164 8.09 1.01 31.46
CA ASN B 164 6.78 0.50 31.04
C ASN B 164 6.84 -0.30 29.74
N PHE B 165 6.07 -1.38 29.70
CA PHE B 165 5.97 -2.21 28.50
C PHE B 165 4.57 -2.12 27.90
N SER B 166 4.51 -2.01 26.58
CA SER B 166 3.23 -1.92 25.88
C SER B 166 3.22 -2.77 24.62
N CYS B 167 2.03 -3.19 24.19
CA CYS B 167 1.87 -3.97 22.98
C CYS B 167 0.98 -3.24 21.98
N ARG B 168 1.55 -2.84 20.85
CA ARG B 168 0.81 -2.09 19.84
C ARG B 168 0.43 -2.98 18.66
N ALA B 169 -0.87 -3.04 18.37
CA ALA B 169 -1.37 -3.85 17.27
C ALA B 169 -1.96 -2.97 16.18
N GLU B 170 -1.58 -3.23 14.94
CA GLU B 170 -2.07 -2.46 13.80
C GLU B 170 -2.85 -3.35 12.83
N LEU B 171 -4.03 -2.88 12.44
CA LEU B 171 -4.82 -3.54 11.40
C LEU B 171 -4.71 -2.71 10.13
N ASP B 172 -4.05 -3.25 9.11
CA ASP B 172 -3.82 -2.47 7.90
C ASP B 172 -4.79 -2.87 6.79
N LEU B 173 -5.77 -2.01 6.55
CA LEU B 173 -6.74 -2.19 5.47
C LEU B 173 -6.42 -1.34 4.25
N ARG B 174 -5.31 -0.59 4.34
CA ARG B 174 -4.89 0.33 3.27
C ARG B 174 -4.86 -0.25 1.84
N PRO B 175 -4.43 -1.51 1.66
CA PRO B 175 -4.56 -2.11 0.32
C PRO B 175 -6.01 -2.17 -0.14
N HIS B 176 -6.94 -2.30 0.81
CA HIS B 176 -8.37 -2.30 0.49
C HIS B 176 -8.94 -0.89 0.56
N GLY B 177 -8.10 0.06 0.95
CA GLY B 177 -8.47 1.47 0.96
C GLY B 177 -9.27 1.93 2.15
N LEU B 178 -9.28 1.14 3.21
CA LEU B 178 -10.04 1.50 4.41
C LEU B 178 -9.17 2.17 5.49
N GLY B 179 -7.88 2.31 5.21
CA GLY B 179 -6.97 3.01 6.12
C GLY B 179 -6.48 2.17 7.29
N LEU B 180 -5.64 2.78 8.12
CA LEU B 180 -5.05 2.11 9.27
C LEU B 180 -5.96 2.11 10.50
N PHE B 181 -5.90 1.03 11.27
CA PHE B 181 -6.56 0.96 12.56
C PHE B 181 -5.58 0.38 13.59
N GLU B 182 -5.23 1.18 14.58
CA GLU B 182 -4.25 0.74 15.59
C GLU B 182 -4.65 1.14 17.00
N ASN B 183 -4.44 0.23 17.94
CA ASN B 183 -4.68 0.52 19.35
C ASN B 183 -3.58 -0.06 20.24
N SER B 184 -2.96 0.81 21.02
CA SER B 184 -1.93 0.37 21.97
C SER B 184 -2.57 -0.17 23.25
N SER B 185 -1.85 -1.05 23.94
CA SER B 185 -2.36 -1.64 25.18
C SER B 185 -2.00 -0.78 26.39
N ALA B 186 -2.44 -1.22 27.56
CA ALA B 186 -2.15 -0.51 28.80
C ALA B 186 -0.74 -0.84 29.27
N PRO B 187 0.10 0.19 29.45
CA PRO B 187 1.50 0.02 29.84
C PRO B 187 1.65 -0.56 31.23
N ARG B 188 2.53 -1.55 31.38
CA ARG B 188 2.77 -2.19 32.67
C ARG B 188 4.19 -1.92 33.14
N GLU B 189 4.32 -1.48 34.40
CA GLU B 189 5.63 -1.15 34.95
C GLU B 189 6.36 -2.38 35.47
N LEU B 190 7.63 -2.49 35.10
CA LEU B 190 8.46 -3.62 35.52
C LEU B 190 9.42 -3.22 36.64
N ARG B 191 9.45 -4.04 37.69
CA ARG B 191 10.36 -3.78 38.81
C ARG B 191 11.43 -4.87 38.88
N THR B 192 12.68 -4.47 38.66
CA THR B 192 13.79 -5.42 38.67
C THR B 192 14.67 -5.24 39.90
N PHE B 193 15.08 -6.36 40.50
CA PHE B 193 15.92 -6.32 41.70
C PHE B 193 17.02 -7.37 41.65
N SER B 194 18.13 -7.08 42.32
CA SER B 194 19.24 -8.03 42.41
C SER B 194 19.78 -8.12 43.83
N LEU B 195 19.80 -9.33 44.37
CA LEU B 195 20.26 -9.55 45.73
C LEU B 195 21.50 -10.45 45.77
N SER B 196 22.48 -10.07 46.57
CA SER B 196 23.71 -10.84 46.72
C SER B 196 23.44 -12.22 47.32
N PRO B 197 24.09 -13.24 46.77
CA PRO B 197 23.95 -14.63 47.23
C PRO B 197 24.55 -14.84 48.62
N ASP B 198 25.39 -13.92 49.08
CA ASP B 198 26.09 -14.09 50.35
C ASP B 198 25.29 -13.60 51.55
N ALA B 199 25.85 -13.82 52.74
CA ALA B 199 25.25 -13.37 53.99
C ALA B 199 25.80 -12.01 54.41
N PRO B 200 24.94 -11.13 54.94
CA PRO B 200 25.38 -9.82 55.42
C PRO B 200 26.36 -9.94 56.58
N ARG B 201 27.34 -9.04 56.64
CA ARG B 201 28.33 -9.06 57.70
C ARG B 201 27.89 -8.21 58.89
N LEU B 202 28.01 -8.78 60.08
CA LEU B 202 27.63 -8.09 61.30
C LEU B 202 28.81 -8.02 62.26
N ALA B 203 29.18 -6.81 62.66
CA ALA B 203 30.28 -6.65 63.60
C ALA B 203 29.83 -7.14 64.97
N ALA B 204 30.54 -8.13 65.51
CA ALA B 204 30.12 -8.79 66.74
C ALA B 204 31.11 -8.63 67.88
N PRO B 205 30.72 -7.86 68.91
CA PRO B 205 31.46 -7.87 70.17
C PRO B 205 31.31 -9.24 70.81
N ARG B 206 32.42 -9.83 71.26
CA ARG B 206 32.39 -11.17 71.85
C ARG B 206 31.52 -11.21 73.10
N LEU B 207 31.67 -10.20 73.95
CA LEU B 207 30.87 -10.09 75.16
C LEU B 207 30.43 -8.66 75.42
N LEU B 208 29.31 -8.51 76.12
CA LEU B 208 28.77 -7.19 76.42
C LEU B 208 28.45 -7.04 77.91
N GLU B 209 29.10 -6.08 78.55
CA GLU B 209 28.83 -5.80 79.96
C GLU B 209 27.56 -4.96 80.09
N VAL B 210 26.83 -5.17 81.19
CA VAL B 210 25.63 -4.40 81.43
C VAL B 210 25.98 -2.98 81.85
N GLY B 211 25.46 -2.00 81.11
CA GLY B 211 25.75 -0.61 81.38
C GLY B 211 26.81 -0.05 80.45
N SER B 212 27.60 -0.93 79.85
CA SER B 212 28.63 -0.53 78.90
C SER B 212 28.03 -0.25 77.53
N GLU B 213 28.62 0.68 76.79
CA GLU B 213 28.11 1.07 75.49
C GLU B 213 29.08 0.69 74.37
N ARG B 214 28.66 -0.22 73.50
CA ARG B 214 29.50 -0.69 72.41
C ARG B 214 28.76 -0.65 71.06
N PRO B 215 29.48 -0.30 69.99
CA PRO B 215 28.91 -0.15 68.64
C PRO B 215 28.61 -1.48 67.96
N VAL B 216 27.61 -1.47 67.07
CA VAL B 216 27.25 -2.64 66.29
C VAL B 216 26.93 -2.22 64.86
N SER B 217 27.57 -2.86 63.88
CA SER B 217 27.35 -2.51 62.48
C SER B 217 27.02 -3.73 61.62
N CYS B 218 26.07 -3.56 60.72
CA CYS B 218 25.64 -4.62 59.82
C CYS B 218 25.66 -4.09 58.39
N THR B 219 26.29 -4.83 57.48
CA THR B 219 26.46 -4.37 56.11
C THR B 219 26.30 -5.49 55.08
N LEU B 220 25.70 -5.14 53.94
CA LEU B 220 25.56 -6.07 52.82
C LEU B 220 25.75 -5.29 51.53
N ASP B 221 26.52 -5.84 50.60
CA ASP B 221 26.78 -5.16 49.34
C ASP B 221 26.25 -5.98 48.17
N GLY B 222 26.04 -5.32 47.03
CA GLY B 222 25.46 -5.97 45.87
C GLY B 222 23.96 -6.15 46.05
N LEU B 223 23.29 -5.08 46.49
CA LEU B 223 21.87 -5.11 46.77
C LEU B 223 21.15 -4.01 45.99
N PHE B 224 20.33 -4.41 45.02
CA PHE B 224 19.59 -3.45 44.21
C PHE B 224 18.12 -3.85 44.13
N PRO B 225 17.20 -2.87 44.20
CA PRO B 225 17.49 -1.44 44.39
C PRO B 225 17.76 -1.09 45.85
N ALA B 226 17.89 0.19 46.13
CA ALA B 226 18.24 0.66 47.46
C ALA B 226 17.01 0.92 48.33
N SER B 227 16.22 1.92 47.95
CA SER B 227 15.10 2.39 48.75
C SER B 227 14.04 1.33 49.06
N GLU B 228 14.02 0.26 48.26
CA GLU B 228 13.03 -0.80 48.46
C GLU B 228 13.50 -1.87 49.43
N ALA B 229 14.69 -1.67 50.01
CA ALA B 229 15.24 -2.63 50.96
C ALA B 229 14.81 -2.33 52.39
N ARG B 230 14.40 -3.37 53.11
CA ARG B 230 14.01 -3.24 54.51
C ARG B 230 14.94 -4.04 55.41
N VAL B 231 15.52 -3.39 56.41
CA VAL B 231 16.50 -4.02 57.28
C VAL B 231 16.15 -3.87 58.77
N TYR B 232 16.27 -4.97 59.51
CA TYR B 232 15.92 -4.99 60.93
C TYR B 232 17.10 -5.48 61.77
N LEU B 233 17.47 -4.69 62.78
CA LEU B 233 18.55 -5.06 63.68
C LEU B 233 18.05 -5.09 65.12
N ALA B 234 18.47 -6.10 65.88
CA ALA B 234 17.99 -6.26 67.25
C ALA B 234 18.98 -6.98 68.14
N LEU B 235 18.84 -6.77 69.45
CA LEU B 235 19.61 -7.51 70.43
C LEU B 235 18.66 -8.46 71.14
N GLY B 236 18.76 -9.75 70.85
CA GLY B 236 17.86 -10.74 71.39
C GLY B 236 16.41 -10.40 71.10
N ASP B 237 15.59 -10.32 72.14
CA ASP B 237 14.20 -9.97 72.00
C ASP B 237 14.03 -8.47 71.74
N GLN B 238 14.83 -7.67 72.44
CA GLN B 238 14.78 -6.22 72.29
C GLN B 238 15.34 -5.80 70.94
N ASN B 239 14.81 -4.71 70.38
CA ASN B 239 15.23 -4.25 69.07
C ASN B 239 16.01 -2.94 69.10
N LEU B 240 16.90 -2.77 68.12
CA LEU B 240 17.68 -1.55 68.00
C LEU B 240 17.01 -0.61 67.00
N SER B 241 17.63 0.56 66.80
CA SER B 241 17.17 1.51 65.81
C SER B 241 18.37 2.14 65.11
N PRO B 242 18.98 1.38 64.18
CA PRO B 242 20.24 1.82 63.55
C PRO B 242 20.05 2.98 62.59
N ASP B 243 21.15 3.46 62.03
CA ASP B 243 21.08 4.48 60.98
C ASP B 243 21.29 3.79 59.65
N VAL B 244 20.21 3.71 58.87
CA VAL B 244 20.26 2.98 57.61
C VAL B 244 20.76 3.87 56.48
N THR B 245 21.71 3.32 55.72
CA THR B 245 22.28 4.04 54.59
C THR B 245 22.19 3.18 53.34
N LEU B 246 21.42 3.63 52.37
CA LEU B 246 21.22 2.89 51.15
C LEU B 246 21.73 3.68 49.96
N GLU B 247 22.81 3.23 49.36
CA GLU B 247 23.38 3.91 48.20
C GLU B 247 23.73 2.93 47.09
N GLY B 248 23.08 3.07 45.95
CA GLY B 248 23.34 2.20 44.82
C GLY B 248 23.05 0.75 45.15
N ASP B 249 24.07 -0.08 44.97
CA ASP B 249 23.94 -1.52 45.21
C ASP B 249 24.39 -1.94 46.61
N ALA B 250 24.74 -0.96 47.45
CA ALA B 250 25.27 -1.27 48.78
C ALA B 250 24.36 -0.75 49.91
N PHE B 251 24.47 -1.37 51.08
CA PHE B 251 23.71 -0.96 52.27
C PHE B 251 24.50 -1.14 53.57
N VAL B 252 24.36 -0.18 54.48
CA VAL B 252 25.08 -0.19 55.75
C VAL B 252 24.19 0.25 56.92
N ALA B 253 24.17 -0.57 57.99
CA ALA B 253 23.40 -0.25 59.18
C ALA B 253 24.27 -0.19 60.43
N THR B 254 24.36 0.99 61.04
CA THR B 254 25.18 1.18 62.23
C THR B 254 24.35 1.60 63.43
N ALA B 255 24.66 1.01 64.59
CA ALA B 255 23.92 1.29 65.82
C ALA B 255 24.75 0.98 67.06
N THR B 256 24.31 1.50 68.20
CA THR B 256 24.96 1.22 69.47
C THR B 256 23.95 0.62 70.45
N ALA B 257 24.24 -0.58 70.95
CA ALA B 257 23.33 -1.28 71.83
C ALA B 257 23.91 -1.48 73.24
N THR B 258 23.04 -1.39 74.24
CA THR B 258 23.44 -1.60 75.63
C THR B 258 22.48 -2.56 76.32
N ALA B 259 23.04 -3.64 76.86
CA ALA B 259 22.23 -4.63 77.57
C ALA B 259 21.88 -4.11 78.96
N SER B 260 20.58 -4.01 79.24
CA SER B 260 20.11 -3.41 80.49
C SER B 260 19.77 -4.39 81.60
N ALA B 261 19.86 -5.69 81.32
CA ALA B 261 19.42 -6.72 82.27
C ALA B 261 18.02 -6.43 82.82
N GLU B 262 16.95 -6.62 82.04
CA GLU B 262 16.85 -7.50 80.86
C GLU B 262 17.22 -8.97 81.18
N GLN B 263 18.29 -9.46 80.56
CA GLN B 263 18.71 -10.85 80.75
C GLN B 263 20.05 -11.08 80.05
N GLU B 264 20.72 -12.19 80.37
CA GLU B 264 22.09 -12.35 79.94
C GLU B 264 22.63 -13.78 79.91
N GLY B 265 23.88 -13.89 79.48
CA GLY B 265 24.65 -15.10 79.48
C GLY B 265 24.52 -15.94 78.21
N ALA B 266 23.38 -15.84 77.54
CA ALA B 266 23.24 -16.33 76.18
C ALA B 266 22.29 -15.43 75.40
N ARG B 267 22.76 -14.88 74.28
CA ARG B 267 21.93 -14.02 73.44
C ARG B 267 22.38 -14.06 71.98
N GLN B 268 21.67 -13.32 71.13
CA GLN B 268 21.99 -13.24 69.72
C GLN B 268 21.67 -11.87 69.13
N LEU B 269 22.50 -11.41 68.20
CA LEU B 269 22.23 -10.18 67.47
C LEU B 269 21.68 -10.53 66.09
N VAL B 270 20.41 -10.25 65.88
CA VAL B 270 19.75 -10.62 64.63
C VAL B 270 19.75 -9.50 63.60
N CYS B 271 20.22 -9.80 62.41
CA CYS B 271 20.20 -8.85 61.30
C CYS B 271 19.56 -9.52 60.08
N ASN B 272 18.38 -9.06 59.69
CA ASN B 272 17.71 -9.61 58.52
C ASN B 272 17.16 -8.55 57.55
N VAL B 273 17.63 -8.63 56.31
CA VAL B 273 17.24 -7.69 55.28
C VAL B 273 16.34 -8.36 54.25
N THR B 274 15.24 -7.71 53.90
CA THR B 274 14.32 -8.25 52.90
C THR B 274 14.15 -7.31 51.71
N LEU B 275 14.31 -7.86 50.51
CA LEU B 275 14.12 -7.10 49.28
C LEU B 275 13.36 -7.93 48.26
N GLY B 276 12.26 -7.39 47.77
CA GLY B 276 11.39 -8.14 46.86
C GLY B 276 10.75 -9.30 47.59
N GLY B 277 10.93 -10.50 47.05
CA GLY B 277 10.39 -11.71 47.64
C GLY B 277 11.43 -12.55 48.35
N GLU B 278 12.67 -12.06 48.37
CA GLU B 278 13.77 -12.81 48.97
C GLU B 278 14.39 -12.04 50.14
N ASN B 279 14.83 -12.77 51.15
CA ASN B 279 15.40 -12.17 52.36
C ASN B 279 16.59 -12.94 52.92
N ARG B 280 17.55 -12.21 53.48
CA ARG B 280 18.75 -12.81 54.06
C ARG B 280 18.89 -12.45 55.53
N GLU B 281 19.40 -13.38 56.33
CA GLU B 281 19.57 -13.15 57.76
C GLU B 281 20.91 -13.67 58.27
N THR B 282 21.57 -12.88 59.12
CA THR B 282 22.81 -13.28 59.76
C THR B 282 22.74 -13.06 61.25
N ARG B 283 22.87 -14.15 62.02
CA ARG B 283 22.81 -14.06 63.47
C ARG B 283 24.18 -14.29 64.09
N GLU B 284 24.54 -13.46 65.06
CA GLU B 284 25.82 -13.58 65.76
C GLU B 284 25.60 -13.79 67.25
N ASN B 285 26.30 -14.77 67.81
CA ASN B 285 26.20 -15.08 69.23
C ASN B 285 26.91 -14.04 70.10
N VAL B 286 26.23 -13.60 71.15
CA VAL B 286 26.82 -12.64 72.09
C VAL B 286 26.49 -13.05 73.52
N THR B 287 27.47 -12.89 74.41
CA THR B 287 27.29 -13.25 75.81
C THR B 287 27.34 -12.02 76.72
N ILE B 288 26.22 -11.74 77.38
CA ILE B 288 26.14 -10.60 78.28
C ILE B 288 26.52 -11.04 79.69
N TYR B 289 27.35 -10.25 80.36
CA TYR B 289 27.82 -10.59 81.70
C TYR B 289 27.64 -9.45 82.68
N SER B 290 27.64 -9.79 83.97
CA SER B 290 27.55 -8.79 85.03
C SER B 290 28.87 -8.77 85.81
N PHE B 291 29.59 -7.65 85.71
CA PHE B 291 30.87 -7.52 86.40
C PHE B 291 30.91 -6.25 87.24
N PRO B 292 30.35 -6.32 88.47
CA PRO B 292 30.43 -5.18 89.39
C PRO B 292 31.87 -4.86 89.74
N ALA B 293 32.26 -3.61 89.62
CA ALA B 293 33.63 -3.19 89.93
C ALA B 293 33.91 -3.37 91.41
N PRO B 294 35.14 -3.82 91.74
CA PRO B 294 35.50 -4.01 93.15
C PRO B 294 35.44 -2.69 93.92
N LEU B 295 34.75 -2.70 95.05
CA LEU B 295 34.60 -1.49 95.85
C LEU B 295 35.56 -1.50 97.04
N LEU B 296 36.56 -0.62 97.00
CA LEU B 296 37.53 -0.53 98.07
C LEU B 296 37.31 0.71 98.91
N THR B 297 36.87 0.49 100.15
CA THR B 297 36.67 1.59 101.09
C THR B 297 37.03 1.12 102.50
N LEU B 298 36.91 2.02 103.46
CA LEU B 298 37.24 1.71 104.85
C LEU B 298 36.07 2.05 105.76
N SER B 299 36.10 1.52 106.98
CA SER B 299 35.12 1.90 107.99
C SER B 299 35.25 3.40 108.21
N GLU B 300 36.50 3.86 108.23
CA GLU B 300 36.85 5.28 108.14
C GLU B 300 38.36 5.42 108.16
N PRO B 301 38.91 6.23 107.24
CA PRO B 301 40.27 6.72 107.42
C PRO B 301 40.24 8.08 108.09
N SER B 302 41.39 8.63 108.47
CA SER B 302 42.59 7.84 108.70
C SER B 302 42.76 7.73 110.21
N VAL B 303 43.79 7.00 110.65
CA VAL B 303 43.99 6.80 112.08
C VAL B 303 45.39 7.16 112.54
N SER B 304 45.62 7.04 113.84
CA SER B 304 46.95 7.24 114.41
C SER B 304 47.60 5.88 114.61
N GLU B 305 48.80 5.88 115.19
CA GLU B 305 49.52 4.63 115.40
C GLU B 305 49.07 3.94 116.67
N GLY B 306 48.90 2.62 116.59
CA GLY B 306 48.50 1.82 117.74
C GLY B 306 47.04 1.41 117.76
N GLN B 307 46.35 1.59 116.64
CA GLN B 307 44.95 1.20 116.55
C GLN B 307 44.69 0.42 115.26
N MET B 308 43.83 -0.61 115.36
CA MET B 308 43.53 -1.46 114.21
C MET B 308 42.55 -0.80 113.24
N VAL B 309 42.62 -1.21 111.97
CA VAL B 309 41.71 -0.71 110.95
C VAL B 309 41.09 -1.86 110.16
N THR B 310 40.01 -1.57 109.45
CA THR B 310 39.34 -2.56 108.62
C THR B 310 39.33 -2.13 107.15
N VAL B 311 40.07 -2.87 106.33
CA VAL B 311 40.13 -2.60 104.90
C VAL B 311 39.58 -3.76 104.09
N THR B 312 38.61 -3.48 103.23
CA THR B 312 37.94 -4.52 102.45
C THR B 312 37.60 -4.10 101.03
N CYS B 313 37.81 -5.02 100.09
CA CYS B 313 37.42 -4.81 98.70
C CYS B 313 36.11 -5.53 98.44
N ALA B 314 35.10 -4.80 97.99
CA ALA B 314 33.77 -5.37 97.79
C ALA B 314 33.49 -5.66 96.32
N ALA B 315 33.44 -6.95 95.98
CA ALA B 315 33.08 -7.38 94.63
C ALA B 315 32.00 -8.45 94.70
N GLY B 316 32.35 -9.59 95.28
CA GLY B 316 31.40 -10.67 95.49
C GLY B 316 31.00 -11.39 94.21
N ALA B 317 29.75 -11.83 94.18
CA ALA B 317 29.20 -12.57 93.04
C ALA B 317 30.02 -13.80 92.68
N GLN B 318 30.22 -14.02 91.39
CA GLN B 318 30.96 -15.18 90.91
C GLN B 318 32.43 -14.87 90.65
N ALA B 319 32.82 -13.62 90.85
CA ALA B 319 34.18 -13.19 90.59
C ALA B 319 35.15 -13.66 91.66
N LEU B 320 36.43 -13.33 91.49
CA LEU B 320 37.47 -13.69 92.45
C LEU B 320 38.10 -12.46 93.07
N VAL B 321 37.88 -12.28 94.36
CA VAL B 321 38.38 -11.10 95.07
C VAL B 321 39.80 -11.34 95.60
N THR B 322 40.71 -10.43 95.25
CA THR B 322 42.09 -10.52 95.72
C THR B 322 42.51 -9.20 96.34
N LEU B 323 42.79 -9.21 97.65
CA LEU B 323 43.21 -8.00 98.33
C LEU B 323 44.72 -8.01 98.57
N GLU B 324 45.44 -7.19 97.80
CA GLU B 324 46.89 -7.06 97.89
C GLU B 324 47.63 -8.40 98.05
N GLY B 325 47.54 -9.24 97.02
CA GLY B 325 48.22 -10.53 97.04
C GLY B 325 47.54 -11.59 97.88
N VAL B 326 46.47 -11.21 98.56
CA VAL B 326 45.74 -12.15 99.42
C VAL B 326 44.35 -12.46 98.86
N PRO B 327 44.09 -13.74 98.56
CA PRO B 327 42.79 -14.18 98.02
C PRO B 327 41.69 -14.08 99.07
N ALA B 328 40.44 -14.11 98.62
CA ALA B 328 39.30 -13.99 99.52
C ALA B 328 38.98 -15.32 100.20
N ALA B 329 38.99 -15.33 101.52
CA ALA B 329 38.66 -16.51 102.29
C ALA B 329 37.62 -16.17 103.36
N VAL B 330 36.46 -16.84 103.31
CA VAL B 330 36.18 -17.86 102.30
C VAL B 330 35.60 -17.26 101.02
N PRO B 331 35.86 -17.90 99.86
CA PRO B 331 35.35 -17.44 98.57
C PRO B 331 33.83 -17.31 98.55
N GLY B 332 33.33 -16.42 97.69
CA GLY B 332 31.90 -16.16 97.60
C GLY B 332 31.54 -14.85 98.27
N GLN B 333 32.43 -14.37 99.13
CA GLN B 333 32.23 -13.11 99.84
C GLN B 333 33.51 -12.29 99.85
N PRO B 334 33.37 -10.95 99.86
CA PRO B 334 34.53 -10.03 99.87
C PRO B 334 35.47 -10.28 101.04
N ALA B 335 36.76 -9.98 100.84
CA ALA B 335 37.78 -10.25 101.85
C ALA B 335 38.07 -9.01 102.71
N GLN B 336 38.33 -9.26 103.99
CA GLN B 336 38.67 -8.19 104.92
C GLN B 336 40.09 -8.38 105.48
N LEU B 337 40.71 -7.29 105.91
CA LEU B 337 42.07 -7.35 106.44
C LEU B 337 42.18 -6.54 107.73
N GLN B 338 42.56 -7.22 108.82
CA GLN B 338 42.76 -6.56 110.10
C GLN B 338 44.22 -6.20 110.30
N LEU B 339 44.50 -4.91 110.45
CA LEU B 339 45.87 -4.43 110.57
C LEU B 339 46.03 -3.35 111.63
N ASN B 340 46.99 -3.55 112.53
CA ASN B 340 47.33 -2.54 113.51
C ASN B 340 48.19 -1.45 112.88
N ALA B 341 47.77 -0.21 113.01
CA ALA B 341 48.42 0.92 112.35
C ALA B 341 49.88 1.10 112.77
N THR B 342 50.71 1.49 111.80
CA THR B 342 52.13 1.74 112.04
C THR B 342 52.56 2.92 111.19
N GLU B 343 53.67 3.56 111.56
CA GLU B 343 54.16 4.72 110.83
C GLU B 343 54.58 4.36 109.41
N ASN B 344 55.00 3.11 109.23
CA ASN B 344 55.42 2.63 107.91
C ASN B 344 54.25 2.44 106.96
N ASP B 345 53.03 2.52 107.50
CA ASP B 345 51.82 2.34 106.71
C ASP B 345 51.30 3.67 106.16
N ASP B 346 52.05 4.74 106.42
CA ASP B 346 51.67 6.06 105.93
C ASP B 346 51.87 6.15 104.43
N ARG B 347 50.86 6.68 103.73
CA ARG B 347 50.87 6.78 102.28
C ARG B 347 51.12 5.44 101.61
N ARG B 348 50.48 4.40 102.14
CA ARG B 348 50.62 3.04 101.63
C ARG B 348 49.31 2.57 101.00
N SER B 349 49.32 2.39 99.69
CA SER B 349 48.12 2.02 98.95
C SER B 349 47.82 0.52 99.02
N PHE B 350 46.54 0.18 99.09
CA PHE B 350 46.11 -1.20 99.10
C PHE B 350 45.56 -1.61 97.74
N PHE B 351 46.11 -2.69 97.19
CA PHE B 351 45.65 -3.18 95.89
C PHE B 351 44.48 -4.14 96.03
N CYS B 352 43.53 -4.04 95.11
CA CYS B 352 42.37 -4.93 95.10
C CYS B 352 42.08 -5.41 93.69
N ASP B 353 42.02 -6.72 93.51
CA ASP B 353 41.85 -7.31 92.18
C ASP B 353 40.63 -8.22 92.09
N ALA B 354 39.81 -8.01 91.07
CA ALA B 354 38.65 -8.85 90.82
C ALA B 354 38.81 -9.59 89.49
N THR B 355 38.60 -10.90 89.51
CA THR B 355 38.79 -11.73 88.32
C THR B 355 37.62 -12.67 88.06
N LEU B 356 37.05 -12.58 86.86
CA LEU B 356 35.95 -13.45 86.47
C LEU B 356 36.12 -13.95 85.04
N ASP B 357 35.95 -15.25 84.85
CA ASP B 357 36.03 -15.85 83.52
C ASP B 357 34.63 -16.02 82.92
N VAL B 358 34.35 -15.27 81.86
CA VAL B 358 33.06 -15.36 81.18
C VAL B 358 33.21 -15.93 79.77
N ASP B 359 32.70 -17.14 79.58
CA ASP B 359 32.77 -17.86 78.30
C ASP B 359 34.18 -17.90 77.70
N GLY B 360 35.18 -18.04 78.56
CA GLY B 360 36.55 -18.18 78.11
C GLY B 360 37.41 -16.93 78.25
N GLU B 361 36.76 -15.77 78.34
CA GLU B 361 37.51 -14.51 78.47
C GLU B 361 37.71 -14.10 79.92
N THR B 362 38.92 -13.65 80.23
CA THR B 362 39.26 -13.22 81.59
C THR B 362 39.30 -11.70 81.67
N LEU B 363 38.56 -11.14 82.63
CA LEU B 363 38.51 -9.70 82.82
C LEU B 363 38.92 -9.31 84.23
N ILE B 364 39.88 -8.38 84.33
CA ILE B 364 40.38 -7.93 85.61
C ILE B 364 40.21 -6.42 85.78
N LYS B 365 39.99 -5.99 87.02
CA LYS B 365 39.86 -4.57 87.33
C LYS B 365 40.71 -4.17 88.53
N ASN B 366 41.63 -3.24 88.32
CA ASN B 366 42.50 -2.76 89.38
C ASN B 366 41.85 -1.68 90.22
N ARG B 367 42.11 -1.72 91.53
CA ARG B 367 41.59 -0.70 92.44
C ARG B 367 42.61 -0.38 93.52
N SER B 368 42.78 0.90 93.82
CA SER B 368 43.78 1.33 94.80
C SER B 368 43.29 2.49 95.67
N ALA B 369 43.55 2.39 96.96
CA ALA B 369 43.19 3.45 97.91
C ALA B 369 44.36 3.74 98.85
N GLU B 370 44.83 4.98 98.83
CA GLU B 370 45.97 5.38 99.64
C GLU B 370 45.56 5.72 101.07
N LEU B 371 46.33 5.23 102.04
CA LEU B 371 46.06 5.50 103.44
C LEU B 371 47.27 6.17 104.11
N ARG B 372 47.05 7.35 104.68
CA ARG B 372 48.10 8.09 105.34
C ARG B 372 47.92 8.02 106.86
N VAL B 373 49.02 8.03 107.60
CA VAL B 373 48.96 7.94 109.05
C VAL B 373 48.97 9.31 109.72
N LEU B 374 47.94 9.58 110.52
CA LEU B 374 47.85 10.82 111.27
C LEU B 374 48.91 10.89 112.36
N TYR B 375 49.66 11.99 112.39
CA TYR B 375 50.71 12.18 113.38
C TYR B 375 50.17 12.80 114.67
#